data_8THU
#
_entry.id   8THU
#
_cell.length_a   1.00
_cell.length_b   1.00
_cell.length_c   1.00
_cell.angle_alpha   90.00
_cell.angle_beta   90.00
_cell.angle_gamma   90.00
#
_symmetry.space_group_name_H-M   'P 1'
#
loop_
_entity.id
_entity.type
_entity.pdbx_description
1 polymer 'Histone H2A.Z'
2 polymer 'Histone H3.2'
3 polymer 'Histone H4'
4 polymer 'Histone H2B 1.1'
5 polymer 'DNA (145-MER)'
6 polymer 'DNA (146-MER)'
#
loop_
_entity_poly.entity_id
_entity_poly.type
_entity_poly.pdbx_seq_one_letter_code
_entity_poly.pdbx_strand_id
1 'polypeptide(L)'
;MAGGKAGKDSGKAKTKAVSRSQRAGLQFPVGRIHRHLKSRTTSHGRVGATAAVYSAAILEYLTAEVLELAGNASKDLKVK
RITPRHLQLAIRGDEELDSLIKATIAGGGVIPHIHKSLIGKKGQQKTV
;
G,C
2 'polypeptide(L)'
;ARTKQTARKSTGGKAPRKQLATKAARKSAPATGGVKKPHRYRPGTVALREIRRYQKSTELLIRKLPFQRLVREIAQDFKT
DLRFQSSAVMALQEASEAYLVALFEDTNLCAIHAKRVTIMPKDIQLARRIRGERA
;
A,E
3 'polypeptide(L)'
;MSGRGKGGKGLGKGGAKRHRKVLRDNIQGITKPAIRRLARRGGVKRISGLIYEETRGVLKVFLENVIRDAVTYTEHAKRK
TVTAMDVVYALKRQGRTLYGFGG
;
B,F
4 'polypeptide(L)'
;MAKSAPAPKKGSKKAVTKTQKKDGKKRRKTRKESYAIYVYKVLKQVHPDTGISSKAMSIMNSFVNDVFERIAGEASRLAH
YNKRSTITSREIQTAVRLLLPGELAKHAVSEGTKAVTKYTSAK
;
D,H
5 'polydeoxyribonucleotide'
;(DT)(DC)(DG)(DA)(DG)(DA)(DA)(DT)(DC)(DC)(DC)(DG)(DG)(DT)(DG)(DC)(DC)(DG)(DA)(DG)
(DG)(DC)(DC)(DG)(DC)(DT)(DC)(DA)(DA)(DT)(DT)(DG)(DG)(DT)(DC)(DG)(DT)(DA)(DG)(DA)
(DC)(DA)(DG)(DC)(DT)(DC)(DT)(DA)(DG)(DC)(DA)(DC)(DC)(DG)(DC)(DT)(DT)(DA)(DA)(DA)
(DC)(DG)(DC)(DA)(DC)(DG)(DT)(DA)(DC)(DG)(DG)(DA)(DT)(DT)(DC)(DT)(DC)(DC)(DC)(DC)
(DC)(DG)(DC)(DG)(DT)(DT)(DT)(DT)(DA)(DA)(DC)(DC)(DG)(DC)(DC)(DA)(DA)(DG)(DG)(DG)
(DG)(DA)(DT)(DT)(DA)(DC)(DT)(DC)(DC)(DC)(DT)(DA)(DG)(DT)(DC)(DT)(DC)(DC)(DA)(DG)
(DG)(DC)(DA)(DC)(DG)(DT)(DG)(DT)(DC)(DA)(DG)(DA)(DT)(DA)(DT)(DA)(DT)(DA)(DC)(DA)
(DT)(DC)(DC)(DG)(DA)(DT)
;
I
6 'polydeoxyribonucleotide'
;(DA)(DT)(DC)(DG)(DG)(DA)(DT)(DG)(DT)(DA)(DT)(DA)(DT)(DA)(DT)(DC)(DT)(DG)(DA)(DC)
(DA)(DC)(DG)(DT)(DG)(DC)(DC)(DT)(DG)(DG)(DA)(DG)(DA)(DC)(DT)(DA)(DG)(DG)(DG)(DA)
(DG)(DT)(DA)(DA)(DT)(DC)(DC)(DC)(DC)(DT)(DT)(DG)(DG)(DC)(DG)(DG)(DT)(DT)(DA)(DA)
(DA)(DA)(DC)(DG)(DC)(DG)(DG)(DG)(DG)(DG)(DA)(DG)(DA)(DA)(DT)(DC)(DC)(DG)(DT)(DA)
(DC)(DG)(DT)(DG)(DC)(DG)(DT)(DT)(DT)(DA)(DA)(DG)(DC)(DG)(DG)(DT)(DG)(DC)(DT)(DA)
(DG)(DA)(DG)(DC)(DT)(DG)(DT)(DC)(DT)(DA)(DC)(DG)(DA)(DC)(DC)(DA)(DA)(DT)(DT)(DG)
(DA)(DG)(DC)(DG)(DG)(DC)(DC)(DT)(DC)(DG)(DG)(DC)(DA)(DC)(DC)(DG)(DG)(DG)(DA)(DT)
(DT)(DC)(DT)(DC)(DG)(DA)
;
J
#
loop_
_chem_comp.id
_chem_comp.type
_chem_comp.name
_chem_comp.formula
DA DNA linking 2'-DEOXYADENOSINE-5'-MONOPHOSPHATE 'C10 H14 N5 O6 P'
DC DNA linking 2'-DEOXYCYTIDINE-5'-MONOPHOSPHATE 'C9 H14 N3 O7 P'
DG DNA linking 2'-DEOXYGUANOSINE-5'-MONOPHOSPHATE 'C10 H14 N5 O7 P'
DT DNA linking THYMIDINE-5'-MONOPHOSPHATE 'C10 H15 N2 O8 P'
#
# COMPACT_ATOMS: atom_id res chain seq x y z
N ALA A 17 40.57 -18.39 15.72
CA ALA A 17 39.13 -18.24 15.68
C ALA A 17 38.73 -16.85 15.20
N VAL A 18 38.88 -16.62 13.89
CA VAL A 18 38.56 -15.32 13.32
C VAL A 18 37.05 -15.21 13.17
N SER A 19 36.54 -13.98 13.21
CA SER A 19 35.11 -13.75 13.07
C SER A 19 34.70 -13.89 11.61
N ARG A 20 33.44 -14.29 11.39
CA ARG A 20 32.93 -14.37 10.03
C ARG A 20 32.62 -12.98 9.48
N SER A 21 32.26 -12.04 10.36
CA SER A 21 32.03 -10.67 9.92
C SER A 21 33.33 -9.93 9.64
N GLN A 22 34.46 -10.44 10.13
CA GLN A 22 35.75 -9.81 9.87
C GLN A 22 36.38 -10.33 8.58
N ARG A 23 36.03 -11.54 8.15
CA ARG A 23 36.54 -12.06 6.90
C ARG A 23 36.03 -11.25 5.71
N ALA A 24 34.83 -10.69 5.81
CA ALA A 24 34.25 -9.88 4.76
C ALA A 24 34.53 -8.39 4.92
N GLY A 25 35.25 -8.00 5.96
CA GLY A 25 35.58 -6.60 6.17
C GLY A 25 34.38 -5.71 6.43
N LEU A 26 33.43 -6.17 7.23
CA LEU A 26 32.25 -5.41 7.58
C LEU A 26 32.25 -5.10 9.08
N GLN A 27 31.21 -4.39 9.50
CA GLN A 27 30.97 -4.12 10.91
C GLN A 27 29.68 -4.73 11.42
N PHE A 28 28.67 -4.89 10.57
CA PHE A 28 27.44 -5.55 10.98
C PHE A 28 27.70 -7.05 11.18
N PRO A 29 26.94 -7.69 12.07
CA PRO A 29 27.16 -9.11 12.31
C PRO A 29 26.72 -9.96 11.13
N VAL A 30 27.33 -11.14 11.01
CA VAL A 30 27.00 -12.09 9.98
C VAL A 30 26.36 -13.34 10.56
N GLY A 31 26.88 -13.86 11.67
CA GLY A 31 26.26 -14.99 12.31
C GLY A 31 24.86 -14.67 12.84
N ARG A 32 24.68 -13.49 13.42
CA ARG A 32 23.37 -13.11 13.92
C ARG A 32 22.37 -12.93 12.78
N ILE A 33 22.81 -12.33 11.67
CA ILE A 33 21.93 -12.15 10.52
C ILE A 33 21.57 -13.49 9.90
N HIS A 34 22.53 -14.43 9.86
CA HIS A 34 22.26 -15.75 9.34
C HIS A 34 21.22 -16.48 10.17
N ARG A 35 21.30 -16.35 11.50
CA ARG A 35 20.30 -16.96 12.37
C ARG A 35 18.94 -16.30 12.18
N HIS A 36 18.92 -14.97 12.05
CA HIS A 36 17.65 -14.26 11.86
C HIS A 36 17.00 -14.64 10.53
N LEU A 37 17.79 -14.77 9.47
CA LEU A 37 17.26 -15.13 8.16
C LEU A 37 16.68 -16.54 8.18
N LYS A 38 17.36 -17.48 8.83
CA LYS A 38 16.90 -18.86 8.86
C LYS A 38 15.58 -19.03 9.61
N SER A 39 15.25 -18.12 10.52
CA SER A 39 13.96 -18.13 11.20
C SER A 39 12.95 -17.23 10.51
N ARG A 40 13.11 -17.01 9.21
CA ARG A 40 12.16 -16.23 8.42
C ARG A 40 11.76 -16.91 7.11
N THR A 41 12.51 -17.92 6.67
CA THR A 41 12.18 -18.63 5.45
C THR A 41 10.94 -19.51 5.66
N THR A 42 10.44 -20.06 4.56
CA THR A 42 9.28 -20.94 4.62
C THR A 42 9.67 -22.28 5.24
N SER A 43 8.69 -23.18 5.33
CA SER A 43 8.93 -24.50 5.90
C SER A 43 9.90 -25.28 5.03
N HIS A 44 10.78 -26.04 5.68
CA HIS A 44 11.83 -26.81 5.03
C HIS A 44 12.72 -25.92 4.16
N GLY A 45 13.01 -24.72 4.67
CA GLY A 45 13.77 -23.73 3.92
C GLY A 45 15.22 -23.65 4.42
N ARG A 46 16.14 -23.62 3.47
CA ARG A 46 17.56 -23.47 3.75
C ARG A 46 18.00 -22.05 3.42
N VAL A 47 19.13 -21.65 4.01
CA VAL A 47 19.70 -20.33 3.78
C VAL A 47 21.20 -20.51 3.50
N GLY A 48 21.66 -19.98 2.37
CA GLY A 48 23.06 -20.10 2.04
C GLY A 48 23.93 -19.23 2.92
N ALA A 49 25.20 -19.63 3.03
CA ALA A 49 26.14 -18.88 3.87
C ALA A 49 26.43 -17.51 3.28
N THR A 50 26.61 -17.44 1.95
CA THR A 50 26.90 -16.17 1.31
C THR A 50 25.69 -15.24 1.27
N ALA A 51 24.48 -15.77 1.49
CA ALA A 51 23.30 -14.91 1.54
C ALA A 51 23.37 -13.97 2.74
N ALA A 52 23.83 -14.47 3.88
CA ALA A 52 24.00 -13.61 5.05
C ALA A 52 25.06 -12.55 4.81
N VAL A 53 26.17 -12.93 4.18
CA VAL A 53 27.24 -11.96 3.92
C VAL A 53 26.78 -10.89 2.95
N TYR A 54 26.05 -11.29 1.90
CA TYR A 54 25.53 -10.31 0.95
C TYR A 54 24.53 -9.37 1.62
N SER A 55 23.66 -9.92 2.48
CA SER A 55 22.62 -9.10 3.11
C SER A 55 23.21 -8.12 4.10
N ALA A 56 24.26 -8.51 4.83
CA ALA A 56 24.86 -7.62 5.81
C ALA A 56 25.54 -6.43 5.14
N ALA A 57 26.06 -6.64 3.93
CA ALA A 57 26.72 -5.54 3.22
C ALA A 57 25.73 -4.44 2.84
N ILE A 58 24.53 -4.83 2.41
CA ILE A 58 23.51 -3.85 2.05
C ILE A 58 23.08 -3.05 3.27
N LEU A 59 22.88 -3.73 4.39
CA LEU A 59 22.43 -3.04 5.61
C LEU A 59 23.46 -2.04 6.09
N GLU A 60 24.74 -2.39 6.04
CA GLU A 60 25.78 -1.47 6.48
C GLU A 60 25.87 -0.26 5.55
N TYR A 61 25.75 -0.49 4.24
CA TYR A 61 25.84 0.61 3.28
C TYR A 61 24.69 1.60 3.47
N LEU A 62 23.47 1.09 3.64
CA LEU A 62 22.32 1.96 3.83
C LEU A 62 22.43 2.75 5.13
N THR A 63 22.90 2.09 6.19
CA THR A 63 23.11 2.80 7.46
C THR A 63 24.16 3.89 7.32
N ALA A 64 25.25 3.59 6.61
CA ALA A 64 26.30 4.59 6.41
C ALA A 64 25.82 5.73 5.53
N GLU A 65 24.94 5.45 4.57
CA GLU A 65 24.43 6.50 3.70
C GLU A 65 23.57 7.49 4.48
N VAL A 66 22.66 6.98 5.32
CA VAL A 66 21.80 7.86 6.09
C VAL A 66 22.60 8.65 7.11
N LEU A 67 23.54 7.99 7.79
CA LEU A 67 24.28 8.65 8.86
C LEU A 67 25.17 9.77 8.34
N GLU A 68 25.70 9.63 7.13
CA GLU A 68 26.55 10.68 6.57
C GLU A 68 25.76 11.96 6.34
N LEU A 69 24.57 11.84 5.75
CA LEU A 69 23.74 13.02 5.51
C LEU A 69 23.25 13.64 6.80
N ALA A 70 22.92 12.80 7.80
CA ALA A 70 22.47 13.33 9.09
C ALA A 70 23.58 14.11 9.78
N GLY A 71 24.82 13.61 9.71
CA GLY A 71 25.93 14.32 10.32
C GLY A 71 26.21 15.65 9.63
N ASN A 72 26.04 15.70 8.32
CA ASN A 72 26.23 16.94 7.59
C ASN A 72 25.20 17.99 8.00
N ALA A 73 23.94 17.58 8.16
CA ALA A 73 22.92 18.51 8.62
C ALA A 73 23.17 18.97 10.04
N SER A 74 23.65 18.06 10.90
CA SER A 74 23.93 18.41 12.29
C SER A 74 25.07 19.40 12.38
N LYS A 75 26.10 19.23 11.56
CA LYS A 75 27.29 20.07 11.66
C LYS A 75 27.01 21.52 11.28
N ASP A 76 26.01 21.78 10.44
CA ASP A 76 25.65 23.14 10.10
C ASP A 76 24.91 23.84 11.24
N LEU A 77 24.43 23.09 12.23
CA LEU A 77 23.77 23.66 13.39
C LEU A 77 24.72 23.83 14.57
N LYS A 78 26.02 23.63 14.35
CA LYS A 78 27.07 23.76 15.36
C LYS A 78 26.76 22.94 16.62
N VAL A 79 26.25 21.72 16.45
CA VAL A 79 25.99 20.83 17.56
C VAL A 79 26.89 19.60 17.40
N LYS A 80 26.99 18.83 18.49
CA LYS A 80 27.86 17.66 18.52
C LYS A 80 27.12 16.33 18.43
N ARG A 81 25.86 16.28 18.84
CA ARG A 81 25.09 15.05 18.84
C ARG A 81 23.97 15.14 17.81
N ILE A 82 23.45 13.98 17.43
CA ILE A 82 22.40 13.87 16.42
C ILE A 82 21.08 13.62 17.11
N THR A 83 20.07 14.42 16.76
CA THR A 83 18.73 14.35 17.31
C THR A 83 17.78 13.82 16.24
N PRO A 84 16.57 13.37 16.63
CA PRO A 84 15.61 12.93 15.62
C PRO A 84 15.22 14.01 14.61
N ARG A 85 15.34 15.28 14.97
CA ARG A 85 15.07 16.34 14.01
C ARG A 85 16.05 16.30 12.85
N HIS A 86 17.33 16.03 13.14
CA HIS A 86 18.33 15.96 12.08
C HIS A 86 18.09 14.79 11.14
N LEU A 87 17.53 13.70 11.64
CA LEU A 87 17.21 12.57 10.78
C LEU A 87 16.13 12.93 9.77
N GLN A 88 15.11 13.68 10.20
CA GLN A 88 14.05 14.09 9.30
C GLN A 88 14.56 15.05 8.22
N LEU A 89 15.45 15.96 8.60
CA LEU A 89 15.98 16.92 7.63
C LEU A 89 16.80 16.21 6.55
N ALA A 90 17.62 15.23 6.94
CA ALA A 90 18.46 14.54 5.97
C ALA A 90 17.62 13.64 5.06
N ILE A 91 16.67 12.91 5.63
CA ILE A 91 15.89 11.95 4.85
C ILE A 91 14.98 12.67 3.87
N ARG A 92 14.23 13.66 4.34
CA ARG A 92 13.30 14.37 3.47
C ARG A 92 14.02 15.24 2.47
N GLY A 93 15.17 15.80 2.83
CA GLY A 93 15.92 16.64 1.91
C GLY A 93 16.42 15.87 0.70
N ASP A 94 16.93 14.67 0.91
CA ASP A 94 17.39 13.86 -0.20
C ASP A 94 16.20 13.30 -0.98
N GLU A 95 16.45 12.93 -2.23
CA GLU A 95 15.39 12.48 -3.12
C GLU A 95 15.20 10.96 -3.06
N GLU A 96 16.26 10.20 -3.31
CA GLU A 96 16.15 8.75 -3.34
C GLU A 96 15.80 8.18 -1.96
N LEU A 97 16.37 8.73 -0.90
CA LEU A 97 16.06 8.26 0.45
C LEU A 97 14.60 8.52 0.81
N ASP A 98 14.07 9.67 0.37
CA ASP A 98 12.67 9.99 0.65
C ASP A 98 11.75 8.97 -0.01
N SER A 99 12.05 8.58 -1.25
CA SER A 99 11.22 7.61 -1.96
C SER A 99 11.29 6.23 -1.35
N LEU A 100 12.30 5.94 -0.53
CA LEU A 100 12.46 4.65 0.11
C LEU A 100 11.86 4.60 1.51
N ILE A 101 12.04 5.65 2.30
CA ILE A 101 11.55 5.69 3.67
C ILE A 101 10.28 6.54 3.71
N LYS A 102 9.15 5.89 3.98
CA LYS A 102 7.87 6.59 4.07
C LYS A 102 7.30 6.60 5.48
N ALA A 103 8.04 6.11 6.47
CA ALA A 103 7.52 6.04 7.82
C ALA A 103 7.53 7.43 8.47
N THR A 104 6.96 7.49 9.66
CA THR A 104 6.84 8.74 10.42
C THR A 104 7.91 8.76 11.51
N ILE A 105 8.74 9.80 11.49
CA ILE A 105 9.76 9.98 12.51
C ILE A 105 9.12 10.67 13.71
N ALA A 106 9.26 10.05 14.89
CA ALA A 106 8.66 10.59 16.11
C ALA A 106 9.38 11.86 16.52
N GLY A 107 8.73 12.99 16.37
CA GLY A 107 9.32 14.27 16.74
C GLY A 107 10.19 14.90 15.68
N GLY A 108 10.11 14.44 14.43
CA GLY A 108 10.97 14.96 13.38
C GLY A 108 10.54 16.28 12.78
N GLY A 109 9.32 16.73 13.06
CA GLY A 109 8.86 17.98 12.48
C GLY A 109 8.62 17.86 10.99
N VAL A 110 8.73 19.00 10.30
CA VAL A 110 8.51 19.09 8.86
C VAL A 110 9.62 19.95 8.26
N ILE A 111 9.58 20.08 6.94
CA ILE A 111 10.51 20.93 6.19
C ILE A 111 9.82 22.26 5.94
N PRO A 112 10.40 23.38 6.36
CA PRO A 112 9.73 24.67 6.17
C PRO A 112 9.54 25.01 4.70
N HIS A 113 8.32 25.43 4.36
CA HIS A 113 7.98 25.82 3.00
C HIS A 113 6.66 26.60 2.98
N ILE A 114 6.66 27.75 2.32
CA ILE A 114 5.46 28.56 2.17
C ILE A 114 5.21 28.76 0.68
N HIS A 115 3.97 28.58 0.26
CA HIS A 115 3.63 28.68 -1.16
C HIS A 115 3.78 30.12 -1.64
N LYS A 116 4.01 30.26 -2.94
CA LYS A 116 4.33 31.57 -3.52
C LYS A 116 3.15 32.52 -3.42
N SER A 117 1.93 32.03 -3.68
CA SER A 117 0.77 32.90 -3.68
C SER A 117 0.35 33.29 -2.27
N LEU A 118 0.72 32.49 -1.26
CA LEU A 118 0.33 32.80 0.11
C LEU A 118 1.05 34.01 0.65
N ILE A 119 2.28 34.26 0.21
CA ILE A 119 3.06 35.40 0.67
C ILE A 119 2.40 36.68 0.19
N GLY A 120 1.84 37.44 1.11
CA GLY A 120 1.03 38.59 0.77
C GLY A 120 1.86 39.78 0.31
N LYS A 121 1.16 40.90 0.15
CA LYS A 121 1.66 42.20 -0.29
C LYS A 121 2.15 42.19 -1.73
N LYS A 122 2.02 41.07 -2.45
CA LYS A 122 2.38 40.95 -3.86
C LYS A 122 3.84 41.32 -4.11
N GLY A 123 4.72 40.93 -3.19
CA GLY A 123 6.14 41.22 -3.30
C GLY A 123 7.02 40.07 -2.88
N ALA B 17 -13.88 -44.76 5.27
CA ALA B 17 -13.15 -43.52 5.02
C ALA B 17 -14.12 -42.38 4.70
N VAL B 18 -14.14 -41.37 5.56
CA VAL B 18 -15.00 -40.21 5.40
C VAL B 18 -14.11 -38.99 5.21
N SER B 19 -14.35 -38.25 4.12
CA SER B 19 -13.55 -37.08 3.82
C SER B 19 -13.76 -36.00 4.88
N ARG B 20 -12.68 -35.29 5.20
CA ARG B 20 -12.75 -34.25 6.23
C ARG B 20 -13.62 -33.08 5.80
N SER B 21 -13.74 -32.85 4.49
CA SER B 21 -14.60 -31.78 4.00
C SER B 21 -16.07 -32.09 4.19
N GLN B 22 -16.43 -33.37 4.35
CA GLN B 22 -17.82 -33.76 4.54
C GLN B 22 -18.20 -33.82 6.01
N ARG B 23 -17.24 -34.09 6.90
CA ARG B 23 -17.53 -34.09 8.33
C ARG B 23 -17.93 -32.70 8.81
N ALA B 24 -17.28 -31.66 8.29
CA ALA B 24 -17.62 -30.29 8.64
C ALA B 24 -18.75 -29.73 7.80
N GLY B 25 -19.29 -30.50 6.86
CA GLY B 25 -20.36 -30.01 6.01
C GLY B 25 -19.97 -28.89 5.08
N LEU B 26 -18.82 -29.00 4.43
CA LEU B 26 -18.31 -27.97 3.54
C LEU B 26 -18.16 -28.54 2.13
N GLN B 27 -17.79 -27.66 1.20
CA GLN B 27 -17.51 -28.02 -0.18
C GLN B 27 -16.05 -27.85 -0.55
N PHE B 28 -15.38 -26.85 0.00
CA PHE B 28 -13.97 -26.63 -0.28
C PHE B 28 -13.14 -27.75 0.35
N PRO B 29 -12.01 -28.11 -0.26
CA PRO B 29 -11.18 -29.17 0.30
C PRO B 29 -10.55 -28.76 1.62
N VAL B 30 -10.37 -29.72 2.51
CA VAL B 30 -9.73 -29.49 3.80
C VAL B 30 -8.30 -30.01 3.81
N GLY B 31 -8.09 -31.22 3.29
CA GLY B 31 -6.73 -31.76 3.25
C GLY B 31 -5.81 -30.96 2.34
N ARG B 32 -6.33 -30.52 1.19
CA ARG B 32 -5.51 -29.74 0.27
C ARG B 32 -5.14 -28.39 0.88
N ILE B 33 -6.09 -27.74 1.54
CA ILE B 33 -5.79 -26.45 2.18
C ILE B 33 -4.82 -26.65 3.34
N HIS B 34 -4.95 -27.77 4.07
CA HIS B 34 -4.02 -28.06 5.14
C HIS B 34 -2.60 -28.23 4.60
N ARG B 35 -2.46 -28.85 3.43
CA ARG B 35 -1.15 -28.96 2.81
C ARG B 35 -0.60 -27.60 2.42
N HIS B 36 -1.46 -26.73 1.88
CA HIS B 36 -1.01 -25.41 1.45
C HIS B 36 -0.64 -24.54 2.65
N LEU B 37 -1.41 -24.64 3.74
CA LEU B 37 -1.11 -23.85 4.92
C LEU B 37 0.23 -24.23 5.54
N LYS B 38 0.52 -25.54 5.58
CA LYS B 38 1.78 -26.01 6.16
C LYS B 38 2.99 -25.59 5.33
N SER B 39 2.80 -25.25 4.06
CA SER B 39 3.89 -24.85 3.19
C SER B 39 4.11 -23.34 3.18
N ARG B 40 3.42 -22.60 4.06
CA ARG B 40 3.55 -21.15 4.09
C ARG B 40 3.88 -20.65 5.50
N THR B 41 4.29 -21.55 6.40
CA THR B 41 4.68 -21.16 7.74
C THR B 41 6.18 -20.82 7.74
N THR B 42 6.77 -20.68 8.92
CA THR B 42 8.13 -20.16 9.04
C THR B 42 9.06 -21.23 9.63
N SER B 43 9.53 -22.14 8.76
CA SER B 43 10.72 -22.96 8.94
C SER B 43 10.60 -24.01 10.05
N HIS B 44 9.57 -23.92 10.86
CA HIS B 44 9.33 -24.90 11.91
C HIS B 44 7.85 -25.07 12.22
N GLY B 45 6.95 -24.40 11.51
CA GLY B 45 5.56 -24.29 11.90
C GLY B 45 4.78 -25.57 11.98
N ARG B 46 3.97 -25.67 13.03
CA ARG B 46 3.00 -26.74 13.20
C ARG B 46 1.62 -26.19 12.92
N VAL B 47 0.85 -26.91 12.10
CA VAL B 47 -0.47 -26.46 11.69
C VAL B 47 -1.50 -27.40 12.29
N GLY B 48 -2.40 -26.86 13.09
CA GLY B 48 -3.44 -27.66 13.68
C GLY B 48 -4.48 -28.10 12.66
N ALA B 49 -5.11 -29.24 12.94
CA ALA B 49 -6.15 -29.76 12.05
C ALA B 49 -7.35 -28.82 12.00
N THR B 50 -7.71 -28.24 13.14
CA THR B 50 -8.85 -27.33 13.21
C THR B 50 -8.61 -26.05 12.43
N ALA B 51 -7.35 -25.65 12.26
CA ALA B 51 -7.05 -24.41 11.54
C ALA B 51 -7.48 -24.49 10.08
N ALA B 52 -7.24 -25.64 9.44
CA ALA B 52 -7.60 -25.79 8.04
C ALA B 52 -9.11 -25.72 7.84
N VAL B 53 -9.87 -26.31 8.75
CA VAL B 53 -11.33 -26.33 8.62
C VAL B 53 -11.90 -24.93 8.79
N TYR B 54 -11.35 -24.14 9.72
CA TYR B 54 -11.82 -22.77 9.89
C TYR B 54 -11.55 -21.94 8.65
N SER B 55 -10.38 -22.13 8.03
CA SER B 55 -10.05 -21.34 6.84
C SER B 55 -10.85 -21.80 5.62
N ALA B 56 -11.21 -23.08 5.56
CA ALA B 56 -12.01 -23.57 4.44
C ALA B 56 -13.40 -22.96 4.44
N ALA B 57 -14.01 -22.81 5.61
CA ALA B 57 -15.34 -22.24 5.69
C ALA B 57 -15.34 -20.75 5.34
N ILE B 58 -14.23 -20.06 5.59
CA ILE B 58 -14.13 -18.64 5.23
C ILE B 58 -14.16 -18.48 3.72
N LEU B 59 -13.39 -19.30 3.01
CA LEU B 59 -13.34 -19.20 1.56
C LEU B 59 -14.67 -19.55 0.92
N GLU B 60 -15.36 -20.57 1.45
CA GLU B 60 -16.64 -20.97 0.89
C GLU B 60 -17.69 -19.87 1.07
N TYR B 61 -17.69 -19.20 2.23
CA TYR B 61 -18.66 -18.15 2.47
C TYR B 61 -18.44 -16.97 1.52
N LEU B 62 -17.19 -16.56 1.34
CA LEU B 62 -16.90 -15.43 0.48
C LEU B 62 -17.21 -15.75 -0.98
N THR B 63 -16.90 -16.96 -1.43
CA THR B 63 -17.23 -17.37 -2.78
C THR B 63 -18.74 -17.39 -3.00
N ALA B 64 -19.49 -17.95 -2.04
CA ALA B 64 -20.93 -17.97 -2.13
C ALA B 64 -21.54 -16.58 -2.03
N GLU B 65 -20.83 -15.64 -1.41
CA GLU B 65 -21.36 -14.28 -1.29
C GLU B 65 -21.27 -13.54 -2.62
N VAL B 66 -20.15 -13.69 -3.33
CA VAL B 66 -19.98 -12.99 -4.60
C VAL B 66 -20.89 -13.56 -5.67
N LEU B 67 -20.98 -14.90 -5.75
CA LEU B 67 -21.79 -15.53 -6.78
C LEU B 67 -23.27 -15.24 -6.59
N GLU B 68 -23.70 -14.96 -5.36
CA GLU B 68 -25.08 -14.55 -5.14
C GLU B 68 -25.36 -13.20 -5.80
N LEU B 69 -24.44 -12.25 -5.65
CA LEU B 69 -24.65 -10.93 -6.22
C LEU B 69 -24.48 -10.95 -7.74
N ALA B 70 -23.48 -11.67 -8.24
CA ALA B 70 -23.26 -11.75 -9.68
C ALA B 70 -24.40 -12.47 -10.37
N GLY B 71 -24.93 -13.53 -9.77
CA GLY B 71 -26.05 -14.24 -10.36
C GLY B 71 -27.30 -13.39 -10.43
N ASN B 72 -27.50 -12.50 -9.47
CA ASN B 72 -28.66 -11.62 -9.49
C ASN B 72 -28.62 -10.67 -10.68
N ALA B 73 -27.45 -10.11 -10.97
CA ALA B 73 -27.33 -9.17 -12.08
C ALA B 73 -27.48 -9.88 -13.43
N SER B 74 -27.10 -11.15 -13.50
CA SER B 74 -27.23 -11.89 -14.75
C SER B 74 -28.71 -12.11 -15.10
N LYS B 75 -29.54 -12.35 -14.09
CA LYS B 75 -30.97 -12.53 -14.35
C LYS B 75 -31.63 -11.23 -14.77
N ASP B 76 -31.15 -10.09 -14.24
CA ASP B 76 -31.73 -8.80 -14.60
C ASP B 76 -31.46 -8.44 -16.06
N LEU B 77 -30.41 -9.01 -16.65
CA LEU B 77 -30.08 -8.77 -18.04
C LEU B 77 -30.69 -9.80 -18.97
N LYS B 78 -31.57 -10.65 -18.45
CA LYS B 78 -32.24 -11.71 -19.22
C LYS B 78 -31.22 -12.60 -19.94
N VAL B 79 -30.16 -12.96 -19.23
CA VAL B 79 -29.10 -13.80 -19.78
C VAL B 79 -28.85 -14.93 -18.80
N LYS B 80 -28.26 -16.02 -19.30
CA LYS B 80 -28.07 -17.22 -18.49
C LYS B 80 -26.68 -17.29 -17.87
N ARG B 81 -25.64 -17.34 -18.70
CA ARG B 81 -24.29 -17.55 -18.19
C ARG B 81 -23.71 -16.25 -17.63
N ILE B 82 -22.71 -16.41 -16.76
CA ILE B 82 -22.09 -15.29 -16.07
C ILE B 82 -20.79 -14.93 -16.81
N THR B 83 -20.66 -13.66 -17.15
CA THR B 83 -19.49 -13.11 -17.82
C THR B 83 -18.69 -12.24 -16.86
N PRO B 84 -17.44 -11.90 -17.21
CA PRO B 84 -16.69 -10.98 -16.35
C PRO B 84 -17.34 -9.61 -16.18
N ARG B 85 -18.20 -9.21 -17.12
CA ARG B 85 -18.91 -7.95 -16.97
C ARG B 85 -19.83 -7.98 -15.75
N HIS B 86 -20.49 -9.11 -15.52
CA HIS B 86 -21.41 -9.20 -14.39
C HIS B 86 -20.68 -9.17 -13.06
N LEU B 87 -19.48 -9.74 -13.01
CA LEU B 87 -18.70 -9.73 -11.77
C LEU B 87 -18.33 -8.31 -11.37
N GLN B 88 -17.97 -7.46 -12.34
CA GLN B 88 -17.65 -6.08 -12.02
C GLN B 88 -18.86 -5.33 -11.51
N LEU B 89 -20.04 -5.59 -12.09
CA LEU B 89 -21.25 -4.92 -11.65
C LEU B 89 -21.60 -5.28 -10.20
N ALA B 90 -21.44 -6.55 -9.85
CA ALA B 90 -21.80 -6.99 -8.50
C ALA B 90 -20.85 -6.43 -7.46
N ILE B 91 -19.54 -6.46 -7.75
CA ILE B 91 -18.55 -6.00 -6.77
C ILE B 91 -18.67 -4.51 -6.54
N ARG B 92 -18.71 -3.75 -7.64
CA ARG B 92 -18.81 -2.27 -7.53
C ARG B 92 -20.19 -1.92 -6.96
N GLY B 93 -21.22 -2.72 -7.28
CA GLY B 93 -22.56 -2.49 -6.70
C GLY B 93 -22.51 -2.64 -5.19
N ASP B 94 -21.79 -3.65 -4.71
CA ASP B 94 -21.63 -3.85 -3.24
C ASP B 94 -20.68 -2.77 -2.71
N GLU B 95 -20.87 -2.34 -1.46
CA GLU B 95 -19.95 -1.35 -0.84
C GLU B 95 -18.84 -2.09 -0.10
N GLU B 96 -19.20 -3.14 0.65
CA GLU B 96 -18.20 -3.90 1.40
C GLU B 96 -17.26 -4.66 0.47
N LEU B 97 -17.83 -5.36 -0.52
CA LEU B 97 -17.00 -6.12 -1.46
C LEU B 97 -16.10 -5.20 -2.26
N ASP B 98 -16.57 -4.00 -2.59
CA ASP B 98 -15.74 -3.02 -3.27
C ASP B 98 -14.54 -2.65 -2.39
N SER B 99 -14.77 -2.46 -1.09
CA SER B 99 -13.69 -2.12 -0.18
C SER B 99 -12.70 -3.27 -0.05
N LEU B 100 -13.20 -4.51 -0.01
CA LEU B 100 -12.33 -5.66 0.20
C LEU B 100 -11.52 -5.97 -1.05
N ILE B 101 -12.10 -5.84 -2.23
CA ILE B 101 -11.46 -6.21 -3.49
C ILE B 101 -11.09 -4.93 -4.23
N LYS B 102 -9.79 -4.67 -4.35
CA LYS B 102 -9.30 -3.52 -5.08
C LYS B 102 -8.61 -3.88 -6.39
N ALA B 103 -8.57 -5.16 -6.76
CA ALA B 103 -7.90 -5.57 -7.97
C ALA B 103 -8.69 -5.14 -9.21
N THR B 104 -8.03 -5.22 -10.36
CA THR B 104 -8.62 -4.84 -11.63
C THR B 104 -9.15 -6.07 -12.34
N ILE B 105 -10.41 -6.02 -12.77
CA ILE B 105 -11.02 -7.11 -13.51
C ILE B 105 -10.82 -6.87 -15.00
N ALA B 106 -10.27 -7.88 -15.69
CA ALA B 106 -10.02 -7.76 -17.11
C ALA B 106 -11.32 -7.91 -17.89
N GLY B 107 -11.64 -6.92 -18.72
CA GLY B 107 -12.86 -6.94 -19.49
C GLY B 107 -14.11 -6.59 -18.72
N GLY B 108 -13.97 -6.00 -17.53
CA GLY B 108 -15.12 -5.71 -16.70
C GLY B 108 -15.80 -4.38 -16.99
N GLY B 109 -15.13 -3.48 -17.68
CA GLY B 109 -15.74 -2.19 -17.95
C GLY B 109 -15.82 -1.33 -16.70
N VAL B 110 -16.69 -0.32 -16.78
CA VAL B 110 -16.88 0.62 -15.69
C VAL B 110 -18.37 0.77 -15.39
N ILE B 111 -18.67 1.26 -14.20
CA ILE B 111 -20.03 1.54 -13.78
C ILE B 111 -20.47 2.84 -14.44
N PRO B 112 -21.57 2.85 -15.20
CA PRO B 112 -21.99 4.09 -15.87
C PRO B 112 -22.43 5.15 -14.86
N HIS B 113 -21.88 6.35 -15.04
CA HIS B 113 -22.23 7.50 -14.20
C HIS B 113 -21.82 8.80 -14.86
N ILE B 114 -22.73 9.76 -14.91
CA ILE B 114 -22.47 11.07 -15.50
C ILE B 114 -22.74 12.13 -14.43
N HIS B 115 -21.81 13.05 -14.25
CA HIS B 115 -21.94 14.08 -13.23
C HIS B 115 -23.07 15.04 -13.61
N LYS B 116 -23.58 15.73 -12.58
CA LYS B 116 -24.72 16.62 -12.79
C LYS B 116 -24.34 17.85 -13.60
N SER B 117 -23.12 18.36 -13.40
CA SER B 117 -22.73 19.61 -14.05
C SER B 117 -22.58 19.45 -15.55
N LEU B 118 -22.17 18.27 -16.01
CA LEU B 118 -21.89 18.08 -17.43
C LEU B 118 -23.16 18.14 -18.28
N ILE B 119 -24.29 17.67 -17.73
CA ILE B 119 -25.54 17.70 -18.47
C ILE B 119 -26.06 19.13 -18.58
N LYS C 37 -3.34 56.01 17.87
CA LYS C 37 -3.95 54.68 17.88
C LYS C 37 -2.94 53.61 18.27
N PRO C 38 -3.38 52.60 19.02
CA PRO C 38 -2.49 51.50 19.37
C PRO C 38 -2.04 50.74 18.13
N HIS C 39 -0.84 50.16 18.22
CA HIS C 39 -0.27 49.42 17.09
C HIS C 39 -1.08 48.17 16.81
N ARG C 40 -1.54 48.02 15.57
CA ARG C 40 -2.34 46.88 15.15
C ARG C 40 -1.74 46.30 13.88
N TYR C 41 -1.65 44.97 13.83
CA TYR C 41 -1.14 44.31 12.65
C TYR C 41 -2.26 44.06 11.64
N ARG C 42 -1.87 43.95 10.37
CA ARG C 42 -2.81 43.66 9.30
C ARG C 42 -3.14 42.17 9.28
N PRO C 43 -4.34 41.80 8.83
CA PRO C 43 -4.69 40.38 8.74
C PRO C 43 -3.75 39.61 7.82
N GLY C 44 -3.01 38.66 8.38
CA GLY C 44 -2.18 37.77 7.59
C GLY C 44 -0.73 37.67 8.03
N THR C 45 -0.14 38.79 8.46
CA THR C 45 1.27 38.78 8.85
C THR C 45 1.48 37.95 10.11
N VAL C 46 0.58 38.08 11.09
CA VAL C 46 0.70 37.28 12.30
C VAL C 46 0.46 35.82 11.97
N ALA C 47 -0.43 35.53 11.02
CA ALA C 47 -0.64 34.15 10.56
C ALA C 47 0.64 33.59 9.95
N LEU C 48 1.34 34.39 9.14
CA LEU C 48 2.60 33.94 8.56
C LEU C 48 3.66 33.72 9.64
N ARG C 49 3.67 34.58 10.67
CA ARG C 49 4.62 34.40 11.77
C ARG C 49 4.35 33.09 12.51
N GLU C 50 3.06 32.79 12.76
CA GLU C 50 2.72 31.49 13.35
C GLU C 50 3.12 30.34 12.43
N ILE C 51 2.96 30.52 11.12
CA ILE C 51 3.37 29.48 10.18
C ILE C 51 4.85 29.18 10.35
N ARG C 52 5.68 30.22 10.38
CA ARG C 52 7.12 30.04 10.52
C ARG C 52 7.46 29.39 11.86
N ARG C 53 6.83 29.87 12.94
CA ARG C 53 7.11 29.35 14.27
C ARG C 53 6.78 27.86 14.36
N TYR C 54 5.56 27.49 13.98
CA TYR C 54 5.13 26.10 14.10
C TYR C 54 5.71 25.19 13.03
N GLN C 55 6.31 25.76 11.98
CA GLN C 55 7.00 24.91 11.02
C GLN C 55 8.45 24.66 11.43
N LYS C 56 9.07 25.59 12.17
CA LYS C 56 10.41 25.32 12.65
C LYS C 56 10.42 24.62 14.00
N SER C 57 9.33 24.68 14.76
CA SER C 57 9.28 23.99 16.03
C SER C 57 8.86 22.52 15.84
N THR C 58 9.08 21.70 16.87
CA THR C 58 8.91 20.26 16.70
C THR C 58 8.29 19.56 17.91
N GLU C 59 7.40 20.22 18.65
CA GLU C 59 6.78 19.58 19.80
C GLU C 59 5.33 19.22 19.46
N LEU C 60 4.62 18.68 20.45
CA LEU C 60 3.24 18.30 20.28
C LEU C 60 2.32 19.52 20.35
N LEU C 61 1.13 19.40 19.78
CA LEU C 61 0.22 20.52 19.66
C LEU C 61 -1.10 20.36 20.39
N ILE C 62 -1.52 19.13 20.70
CA ILE C 62 -2.81 18.89 21.34
C ILE C 62 -2.57 18.57 22.81
N ARG C 63 -3.58 18.89 23.63
CA ARG C 63 -3.45 18.72 25.08
C ARG C 63 -3.53 17.24 25.45
N LYS C 64 -2.55 16.80 26.24
CA LYS C 64 -2.36 15.38 26.49
C LYS C 64 -3.52 14.78 27.27
N LEU C 65 -3.98 15.45 28.32
CA LEU C 65 -5.07 14.91 29.13
C LEU C 65 -6.39 14.84 28.36
N PRO C 66 -6.84 15.88 27.64
CA PRO C 66 -8.02 15.68 26.78
C PRO C 66 -7.84 14.60 25.72
N PHE C 67 -6.65 14.48 25.13
CA PHE C 67 -6.44 13.42 24.16
C PHE C 67 -6.58 12.04 24.80
N GLN C 68 -6.02 11.89 26.01
CA GLN C 68 -6.14 10.62 26.73
C GLN C 68 -7.59 10.30 27.05
N ARG C 69 -8.35 11.31 27.49
CA ARG C 69 -9.76 11.10 27.80
C ARG C 69 -10.55 10.70 26.56
N LEU C 70 -10.26 11.34 25.42
CA LEU C 70 -10.93 10.97 24.17
C LEU C 70 -10.58 9.55 23.75
N VAL C 71 -9.30 9.18 23.90
CA VAL C 71 -8.87 7.83 23.54
C VAL C 71 -9.60 6.80 24.39
N ARG C 72 -9.69 7.04 25.70
CA ARG C 72 -10.39 6.10 26.57
C ARG C 72 -11.88 6.03 26.23
N GLU C 73 -12.50 7.18 25.94
CA GLU C 73 -13.90 7.20 25.56
C GLU C 73 -14.16 6.37 24.31
N ILE C 74 -13.29 6.52 23.30
CA ILE C 74 -13.45 5.74 22.07
C ILE C 74 -13.22 4.26 22.34
N ALA C 75 -12.20 3.94 23.15
CA ALA C 75 -11.81 2.55 23.33
C ALA C 75 -12.79 1.78 24.22
N GLN C 76 -13.59 2.48 25.03
CA GLN C 76 -14.50 1.75 25.91
C GLN C 76 -15.63 1.06 25.17
N ASP C 77 -15.85 1.37 23.89
CA ASP C 77 -16.92 0.72 23.13
C ASP C 77 -16.54 -0.71 22.76
N PHE C 78 -15.31 -0.91 22.30
CA PHE C 78 -14.92 -2.23 21.80
C PHE C 78 -14.78 -3.24 22.94
N LYS C 79 -14.11 -2.86 24.03
CA LYS C 79 -13.97 -3.74 25.18
C LYS C 79 -14.04 -2.90 26.44
N THR C 80 -14.72 -3.41 27.46
CA THR C 80 -14.93 -2.67 28.69
C THR C 80 -13.79 -2.89 29.66
N ASP C 81 -13.51 -1.86 30.46
CA ASP C 81 -12.52 -1.90 31.55
C ASP C 81 -11.13 -2.27 31.03
N LEU C 82 -10.59 -1.41 30.17
CA LEU C 82 -9.25 -1.55 29.65
C LEU C 82 -8.29 -0.63 30.36
N ARG C 83 -7.00 -0.97 30.28
CA ARG C 83 -5.92 -0.14 30.80
C ARG C 83 -4.95 0.17 29.67
N PHE C 84 -4.25 1.29 29.79
CA PHE C 84 -3.40 1.78 28.71
C PHE C 84 -1.99 2.05 29.21
N GLN C 85 -1.06 2.09 28.25
CA GLN C 85 0.32 2.47 28.51
C GLN C 85 0.57 3.88 27.98
N SER C 86 1.35 4.65 28.74
CA SER C 86 1.65 6.03 28.36
C SER C 86 2.35 6.08 27.01
N SER C 87 3.24 5.11 26.73
CA SER C 87 3.90 5.05 25.44
C SER C 87 2.90 4.82 24.31
N ALA C 88 1.91 3.96 24.55
CA ALA C 88 0.87 3.73 23.54
C ALA C 88 0.07 5.00 23.27
N VAL C 89 -0.29 5.72 24.33
CA VAL C 89 -1.04 6.96 24.16
C VAL C 89 -0.22 7.99 23.38
N MET C 90 1.08 8.09 23.70
CA MET C 90 1.94 9.03 23.00
C MET C 90 2.08 8.66 21.52
N ALA C 91 2.20 7.36 21.22
CA ALA C 91 2.27 6.92 19.83
C ALA C 91 0.99 7.26 19.08
N LEU C 92 -0.16 7.06 19.71
CA LEU C 92 -1.43 7.42 19.09
C LEU C 92 -1.49 8.91 18.79
N GLN C 93 -1.05 9.75 19.74
CA GLN C 93 -1.03 11.19 19.52
C GLN C 93 -0.10 11.58 18.38
N GLU C 94 1.07 10.94 18.32
CA GLU C 94 2.03 11.20 17.25
C GLU C 94 1.43 10.92 15.88
N ALA C 95 0.83 9.73 15.74
CA ALA C 95 0.24 9.35 14.45
C ALA C 95 -0.91 10.27 14.08
N SER C 96 -1.74 10.64 15.06
CA SER C 96 -2.88 11.51 14.78
C SER C 96 -2.40 12.87 14.26
N GLU C 97 -1.41 13.46 14.93
CA GLU C 97 -0.92 14.76 14.47
C GLU C 97 -0.28 14.68 13.10
N ALA C 98 0.50 13.62 12.84
CA ALA C 98 1.11 13.48 11.51
C ALA C 98 0.05 13.38 10.41
N TYR C 99 -0.98 12.56 10.64
CA TYR C 99 -2.05 12.41 9.66
C TYR C 99 -2.78 13.73 9.44
N LEU C 100 -3.06 14.47 10.52
CA LEU C 100 -3.77 15.73 10.39
C LEU C 100 -2.95 16.76 9.61
N VAL C 101 -1.64 16.82 9.87
CA VAL C 101 -0.78 17.75 9.15
C VAL C 101 -0.75 17.42 7.66
N ALA C 102 -0.62 16.13 7.31
CA ALA C 102 -0.60 15.75 5.91
C ALA C 102 -1.91 16.12 5.22
N LEU C 103 -3.04 15.83 5.88
CA LEU C 103 -4.33 16.15 5.30
C LEU C 103 -4.50 17.65 5.11
N PHE C 104 -4.04 18.45 6.08
CA PHE C 104 -4.14 19.90 5.96
C PHE C 104 -3.29 20.42 4.81
N GLU C 105 -2.11 19.84 4.60
CA GLU C 105 -1.28 20.25 3.48
C GLU C 105 -1.98 19.97 2.15
N ASP C 106 -2.59 18.78 2.03
CA ASP C 106 -3.31 18.46 0.80
C ASP C 106 -4.50 19.39 0.60
N THR C 107 -5.19 19.73 1.68
CA THR C 107 -6.32 20.66 1.60
C THR C 107 -5.84 22.04 1.13
N ASN C 108 -4.70 22.49 1.63
CA ASN C 108 -4.15 23.77 1.18
C ASN C 108 -3.82 23.74 -0.30
N LEU C 109 -3.29 22.61 -0.78
CA LEU C 109 -3.02 22.46 -2.21
C LEU C 109 -4.31 22.60 -3.02
N CYS C 110 -5.38 21.93 -2.57
CA CYS C 110 -6.66 22.03 -3.27
C CYS C 110 -7.18 23.46 -3.27
N ALA C 111 -7.11 24.14 -2.13
CA ALA C 111 -7.62 25.50 -2.03
C ALA C 111 -6.83 26.45 -2.92
N ILE C 112 -5.51 26.26 -3.00
CA ILE C 112 -4.68 27.08 -3.90
C ILE C 112 -5.08 26.81 -5.34
N HIS C 113 -5.31 25.54 -5.70
CA HIS C 113 -5.75 25.22 -7.05
C HIS C 113 -7.07 25.88 -7.40
N ALA C 114 -8.01 25.95 -6.47
CA ALA C 114 -9.31 26.55 -6.74
C ALA C 114 -9.28 28.08 -6.76
N LYS C 115 -8.09 28.69 -6.81
CA LYS C 115 -7.91 30.14 -6.85
C LYS C 115 -8.50 30.82 -5.60
N ARG C 116 -8.15 30.28 -4.44
CA ARG C 116 -8.57 30.86 -3.17
C ARG C 116 -7.42 30.73 -2.18
N VAL C 117 -7.56 31.42 -1.03
CA VAL C 117 -6.57 31.32 0.03
C VAL C 117 -7.13 30.66 1.28
N THR C 118 -8.44 30.44 1.36
CA THR C 118 -9.07 29.82 2.51
C THR C 118 -9.39 28.36 2.19
N ILE C 119 -9.09 27.47 3.14
CA ILE C 119 -9.44 26.07 2.98
C ILE C 119 -10.90 25.87 3.36
N MET C 120 -11.54 24.89 2.76
CA MET C 120 -12.98 24.69 2.89
C MET C 120 -13.28 23.22 3.12
N PRO C 121 -14.44 22.91 3.70
CA PRO C 121 -14.86 21.50 3.82
C PRO C 121 -14.94 20.78 2.49
N LYS C 122 -15.31 21.49 1.41
CA LYS C 122 -15.30 20.84 0.10
C LYS C 122 -13.89 20.51 -0.35
N ASP C 123 -12.92 21.37 -0.01
CA ASP C 123 -11.52 21.04 -0.28
C ASP C 123 -11.08 19.79 0.48
N ILE C 124 -11.47 19.71 1.76
CA ILE C 124 -11.12 18.53 2.56
C ILE C 124 -11.75 17.28 1.95
N GLN C 125 -13.02 17.38 1.56
CA GLN C 125 -13.71 16.23 0.98
C GLN C 125 -13.08 15.81 -0.33
N LEU C 126 -12.70 16.78 -1.17
CA LEU C 126 -12.04 16.45 -2.44
C LEU C 126 -10.71 15.76 -2.21
N ALA C 127 -9.92 16.25 -1.26
CA ALA C 127 -8.63 15.62 -0.98
C ALA C 127 -8.82 14.20 -0.48
N ARG C 128 -9.77 13.99 0.44
CA ARG C 128 -10.00 12.65 0.97
C ARG C 128 -10.57 11.72 -0.10
N ARG C 129 -11.40 12.25 -1.01
CA ARG C 129 -11.96 11.45 -2.08
C ARG C 129 -10.88 11.01 -3.07
N ILE C 130 -9.98 11.93 -3.43
CA ILE C 130 -8.92 11.59 -4.38
C ILE C 130 -7.95 10.60 -3.75
N ARG C 131 -7.61 10.81 -2.47
CA ARG C 131 -6.74 9.87 -1.79
C ARG C 131 -7.39 8.50 -1.60
N GLY C 132 -8.70 8.38 -1.78
CA GLY C 132 -9.37 7.10 -1.72
C GLY C 132 -9.66 6.63 -0.30
N GLU C 133 -10.40 7.42 0.46
CA GLU C 133 -10.79 7.06 1.81
C GLU C 133 -12.29 6.91 1.98
N ARG C 134 -13.07 7.90 1.57
CA ARG C 134 -14.52 7.84 1.69
C ARG C 134 -15.21 8.72 0.65
N HIS D 19 -13.52 2.36 40.72
CA HIS D 19 -12.95 1.34 39.85
C HIS D 19 -13.05 1.75 38.39
N ARG D 20 -14.25 2.18 37.97
CA ARG D 20 -14.49 2.61 36.60
C ARG D 20 -15.37 3.86 36.62
N LYS D 21 -15.56 4.44 35.45
CA LYS D 21 -16.37 5.64 35.29
C LYS D 21 -16.89 5.67 33.85
N VAL D 22 -17.48 6.81 33.46
CA VAL D 22 -18.02 6.97 32.12
C VAL D 22 -17.69 8.38 31.64
N LEU D 23 -17.59 8.53 30.32
CA LEU D 23 -17.32 9.81 29.67
C LEU D 23 -18.41 10.07 28.65
N ARG D 24 -18.99 11.28 28.68
CA ARG D 24 -20.19 11.57 27.92
C ARG D 24 -19.90 12.25 26.58
N ASP D 25 -18.97 13.21 26.53
CA ASP D 25 -18.65 13.90 25.28
C ASP D 25 -17.25 14.47 25.48
N ASN D 26 -16.25 13.80 24.89
CA ASN D 26 -14.87 14.21 25.01
C ASN D 26 -14.27 14.73 23.71
N ILE D 27 -15.02 14.69 22.61
CA ILE D 27 -14.50 15.17 21.33
C ILE D 27 -14.33 16.68 21.32
N GLN D 28 -14.98 17.40 22.24
CA GLN D 28 -14.82 18.84 22.32
C GLN D 28 -13.47 19.25 22.89
N GLY D 29 -12.69 18.30 23.42
CA GLY D 29 -11.36 18.61 23.92
C GLY D 29 -10.39 19.04 22.85
N ILE D 30 -10.64 18.67 21.60
CA ILE D 30 -9.82 19.12 20.48
C ILE D 30 -10.27 20.52 20.12
N THR D 31 -9.64 21.52 20.72
CA THR D 31 -10.16 22.87 20.69
C THR D 31 -9.81 23.59 19.40
N LYS D 32 -10.48 24.73 19.20
CA LYS D 32 -10.18 25.58 18.05
C LYS D 32 -8.74 26.06 18.00
N PRO D 33 -8.11 26.53 19.11
CA PRO D 33 -6.68 26.85 19.02
C PRO D 33 -5.80 25.68 18.62
N ALA D 34 -6.12 24.47 19.11
CA ALA D 34 -5.33 23.30 18.73
C ALA D 34 -5.46 23.00 17.24
N ILE D 35 -6.69 23.06 16.71
CA ILE D 35 -6.89 22.83 15.28
C ILE D 35 -6.19 23.90 14.47
N ARG D 36 -6.23 25.15 14.94
CA ARG D 36 -5.54 26.22 14.24
C ARG D 36 -4.04 26.02 14.23
N ARG D 37 -3.46 25.55 15.34
CA ARG D 37 -2.03 25.27 15.37
C ARG D 37 -1.66 24.13 14.43
N LEU D 38 -2.49 23.09 14.38
CA LEU D 38 -2.26 22.01 13.41
C LEU D 38 -2.29 22.55 11.99
N ALA D 39 -3.25 23.42 11.69
CA ALA D 39 -3.34 24.01 10.35
C ALA D 39 -2.14 24.89 10.04
N ARG D 40 -1.67 25.66 11.03
CA ARG D 40 -0.49 26.52 10.82
C ARG D 40 0.74 25.68 10.53
N ARG D 41 0.93 24.58 11.26
CA ARG D 41 2.04 23.69 10.95
C ARG D 41 1.89 23.08 9.57
N GLY D 42 0.67 22.71 9.19
CA GLY D 42 0.42 22.24 7.84
C GLY D 42 0.72 23.27 6.77
N GLY D 43 0.60 24.55 7.10
CA GLY D 43 1.01 25.60 6.20
C GLY D 43 -0.12 26.31 5.48
N VAL D 44 -1.21 26.59 6.19
CA VAL D 44 -2.32 27.33 5.61
C VAL D 44 -2.35 28.73 6.23
N LYS D 45 -3.01 29.64 5.53
CA LYS D 45 -3.02 31.05 5.91
C LYS D 45 -4.37 31.51 6.46
N ARG D 46 -5.47 31.03 5.91
CA ARG D 46 -6.79 31.49 6.32
C ARG D 46 -7.73 30.28 6.40
N ILE D 47 -8.53 30.22 7.47
CA ILE D 47 -9.35 29.06 7.77
C ILE D 47 -10.81 29.47 7.85
N SER D 48 -11.69 28.61 7.34
CA SER D 48 -13.12 28.82 7.36
C SER D 48 -13.69 28.39 8.72
N GLY D 49 -15.02 28.28 8.81
CA GLY D 49 -15.66 27.98 10.07
C GLY D 49 -16.00 26.52 10.31
N LEU D 50 -16.41 25.80 9.27
CA LEU D 50 -16.80 24.40 9.40
C LEU D 50 -15.61 23.45 9.43
N ILE D 51 -14.40 23.99 9.27
CA ILE D 51 -13.19 23.17 9.24
C ILE D 51 -13.02 22.41 10.54
N TYR D 52 -13.38 23.04 11.66
CA TYR D 52 -13.18 22.42 12.97
C TYR D 52 -14.07 21.19 13.13
N GLU D 53 -15.35 21.31 12.77
CA GLU D 53 -16.26 20.16 12.86
C GLU D 53 -15.85 19.05 11.91
N GLU D 54 -15.46 19.42 10.68
CA GLU D 54 -15.02 18.40 9.72
C GLU D 54 -13.77 17.67 10.22
N THR D 55 -12.83 18.42 10.79
CA THR D 55 -11.59 17.83 11.31
C THR D 55 -11.88 16.92 12.49
N ARG D 56 -12.81 17.32 13.37
CA ARG D 56 -13.18 16.46 14.49
C ARG D 56 -13.77 15.15 13.99
N GLY D 57 -14.65 15.21 12.98
CA GLY D 57 -15.19 13.99 12.43
C GLY D 57 -14.13 13.08 11.83
N VAL D 58 -13.21 13.66 11.06
CA VAL D 58 -12.15 12.89 10.42
C VAL D 58 -11.26 12.23 11.47
N LEU D 59 -10.87 13.00 12.48
CA LEU D 59 -10.02 12.48 13.55
C LEU D 59 -10.72 11.35 14.30
N LYS D 60 -12.01 11.51 14.56
CA LYS D 60 -12.76 10.45 15.24
C LYS D 60 -12.76 9.17 14.43
N VAL D 61 -12.97 9.28 13.11
CA VAL D 61 -12.97 8.08 12.27
C VAL D 61 -11.61 7.38 12.29
N PHE D 62 -10.54 8.17 12.13
CA PHE D 62 -9.19 7.60 12.09
C PHE D 62 -8.85 6.92 13.41
N LEU D 63 -9.15 7.59 14.53
CA LEU D 63 -8.88 7.03 15.84
C LEU D 63 -9.70 5.76 16.07
N GLU D 64 -10.95 5.74 15.61
CA GLU D 64 -11.78 4.55 15.75
C GLU D 64 -11.14 3.36 15.05
N ASN D 65 -10.69 3.56 13.80
CA ASN D 65 -10.08 2.47 13.06
C ASN D 65 -8.82 1.96 13.76
N VAL D 66 -7.92 2.88 14.11
CA VAL D 66 -6.64 2.46 14.70
C VAL D 66 -6.85 1.77 16.04
N ILE D 67 -7.74 2.33 16.86
CA ILE D 67 -7.97 1.78 18.19
C ILE D 67 -8.66 0.42 18.10
N ARG D 68 -9.57 0.24 17.13
CA ARG D 68 -10.18 -1.07 16.96
C ARG D 68 -9.15 -2.12 16.59
N ASP D 69 -8.24 -1.78 15.67
CA ASP D 69 -7.18 -2.74 15.31
C ASP D 69 -6.29 -3.06 16.51
N ALA D 70 -5.92 -2.03 17.29
CA ALA D 70 -5.07 -2.26 18.45
C ALA D 70 -5.77 -3.11 19.50
N VAL D 71 -7.08 -2.90 19.69
CA VAL D 71 -7.83 -3.67 20.66
C VAL D 71 -7.93 -5.13 20.23
N THR D 72 -8.11 -5.38 18.93
CA THR D 72 -8.09 -6.75 18.44
C THR D 72 -6.73 -7.40 18.71
N TYR D 73 -5.65 -6.66 18.44
CA TYR D 73 -4.31 -7.20 18.69
C TYR D 73 -4.09 -7.54 20.15
N THR D 74 -4.50 -6.65 21.07
CA THR D 74 -4.28 -6.92 22.48
C THR D 74 -5.25 -7.94 23.04
N GLU D 75 -6.41 -8.12 22.40
CA GLU D 75 -7.35 -9.14 22.87
C GLU D 75 -6.90 -10.53 22.43
N HIS D 76 -6.20 -10.63 21.30
CA HIS D 76 -5.72 -11.94 20.86
C HIS D 76 -4.74 -12.55 21.86
N ALA D 77 -3.97 -11.71 22.57
CA ALA D 77 -2.91 -12.19 23.44
C ALA D 77 -3.38 -12.45 24.87
N LYS D 78 -4.70 -12.41 25.11
CA LYS D 78 -5.27 -12.65 26.44
C LYS D 78 -4.74 -11.66 27.47
N ARG D 79 -4.50 -10.42 27.05
CA ARG D 79 -4.02 -9.38 27.94
C ARG D 79 -5.17 -8.43 28.29
N LYS D 80 -4.89 -7.52 29.23
CA LYS D 80 -5.86 -6.53 29.63
C LYS D 80 -5.37 -5.09 29.45
N THR D 81 -4.11 -4.88 29.06
CA THR D 81 -3.56 -3.55 28.88
C THR D 81 -3.07 -3.40 27.45
N VAL D 82 -3.47 -2.30 26.81
CA VAL D 82 -2.99 -1.99 25.47
C VAL D 82 -1.55 -1.48 25.55
N THR D 83 -0.74 -1.83 24.55
CA THR D 83 0.68 -1.50 24.57
C THR D 83 1.09 -0.76 23.31
N ALA D 84 2.21 -0.04 23.42
CA ALA D 84 2.74 0.70 22.30
C ALA D 84 3.14 -0.24 21.17
N MET D 85 3.54 -1.46 21.50
CA MET D 85 3.83 -2.44 20.46
C MET D 85 2.59 -2.76 19.65
N ASP D 86 1.45 -2.94 20.33
CA ASP D 86 0.19 -3.19 19.63
C ASP D 86 -0.21 -1.99 18.77
N VAL D 87 -0.02 -0.78 19.30
CA VAL D 87 -0.35 0.42 18.52
C VAL D 87 0.51 0.50 17.26
N VAL D 88 1.81 0.24 17.40
CA VAL D 88 2.72 0.26 16.26
C VAL D 88 2.32 -0.82 15.25
N TYR D 89 1.94 -2.00 15.74
CA TYR D 89 1.53 -3.07 14.85
C TYR D 89 0.27 -2.70 14.07
N ALA D 90 -0.70 -2.07 14.74
CA ALA D 90 -1.91 -1.64 14.05
C ALA D 90 -1.59 -0.58 13.00
N LEU D 91 -0.72 0.37 13.34
CA LEU D 91 -0.35 1.41 12.39
C LEU D 91 0.35 0.83 11.18
N LYS D 92 1.24 -0.14 11.40
CA LYS D 92 1.90 -0.81 10.28
C LYS D 92 0.90 -1.58 9.43
N ARG D 93 -0.06 -2.25 10.07
CA ARG D 93 -1.10 -2.96 9.34
C ARG D 93 -1.92 -2.03 8.47
N GLN D 94 -2.12 -0.79 8.92
CA GLN D 94 -2.84 0.21 8.14
C GLN D 94 -1.94 0.93 7.13
N GLY D 95 -0.69 0.52 7.00
CA GLY D 95 0.23 1.18 6.08
C GLY D 95 0.61 2.58 6.49
N ARG D 96 0.81 2.82 7.78
CA ARG D 96 1.17 4.11 8.35
C ARG D 96 2.30 3.94 9.35
N THR D 97 3.37 3.26 8.92
CA THR D 97 4.45 2.84 9.79
C THR D 97 5.05 4.02 10.57
N LEU D 98 5.31 3.78 11.85
CA LEU D 98 5.81 4.80 12.76
C LEU D 98 7.15 4.34 13.34
N TYR D 99 8.12 5.24 13.37
CA TYR D 99 9.45 4.96 13.90
C TYR D 99 9.64 5.63 15.24
N GLY D 100 10.32 4.94 16.16
CA GLY D 100 10.70 5.55 17.41
C GLY D 100 10.05 4.94 18.63
N PHE D 101 9.45 3.77 18.49
CA PHE D 101 8.81 3.11 19.62
C PHE D 101 9.06 1.62 19.70
N GLY D 102 9.90 1.06 18.82
CA GLY D 102 10.20 -0.35 18.85
C GLY D 102 9.47 -1.14 17.78
N THR E 30 1.14 -32.18 -17.61
CA THR E 30 1.45 -31.99 -16.20
C THR E 30 0.20 -31.54 -15.43
N ARG E 31 -0.03 -32.17 -14.28
CA ARG E 31 -1.20 -31.85 -13.48
C ARG E 31 -1.09 -30.45 -12.87
N LYS E 32 -2.17 -29.68 -12.99
CA LYS E 32 -2.27 -28.36 -12.39
C LYS E 32 -3.50 -28.32 -11.50
N GLU E 33 -3.34 -27.77 -10.29
CA GLU E 33 -4.41 -27.72 -9.32
C GLU E 33 -5.21 -26.43 -9.45
N SER E 34 -6.52 -26.54 -9.31
CA SER E 34 -7.40 -25.40 -9.46
C SER E 34 -8.62 -25.58 -8.56
N TYR E 35 -9.32 -24.48 -8.33
CA TYR E 35 -10.53 -24.46 -7.51
C TYR E 35 -11.81 -24.48 -8.33
N ALA E 36 -11.72 -24.80 -9.61
CA ALA E 36 -12.85 -24.67 -10.51
C ALA E 36 -14.00 -25.59 -10.10
N ILE E 37 -13.69 -26.82 -9.70
CA ILE E 37 -14.73 -27.78 -9.33
C ILE E 37 -15.49 -27.29 -8.10
N TYR E 38 -14.77 -26.80 -7.09
CA TYR E 38 -15.42 -26.33 -5.87
C TYR E 38 -16.23 -25.06 -6.13
N VAL E 39 -15.70 -24.16 -6.96
CA VAL E 39 -16.44 -22.96 -7.31
C VAL E 39 -17.72 -23.31 -8.04
N TYR E 40 -17.66 -24.28 -8.96
CA TYR E 40 -18.86 -24.71 -9.66
C TYR E 40 -19.85 -25.38 -8.73
N LYS E 41 -19.36 -26.14 -7.74
CA LYS E 41 -20.25 -26.74 -6.76
C LYS E 41 -21.00 -25.66 -5.97
N VAL E 42 -20.27 -24.64 -5.53
CA VAL E 42 -20.90 -23.56 -4.77
C VAL E 42 -21.90 -22.80 -5.64
N LEU E 43 -21.55 -22.57 -6.91
CA LEU E 43 -22.45 -21.87 -7.82
C LEU E 43 -23.72 -22.67 -8.06
N LYS E 44 -23.60 -23.99 -8.24
CA LYS E 44 -24.78 -24.82 -8.42
C LYS E 44 -25.63 -24.88 -7.15
N GLN E 45 -24.99 -24.79 -5.98
CA GLN E 45 -25.75 -24.74 -4.74
C GLN E 45 -26.53 -23.44 -4.61
N VAL E 46 -25.92 -22.32 -4.96
CA VAL E 46 -26.54 -21.01 -4.68
C VAL E 46 -27.46 -20.56 -5.81
N HIS E 47 -27.29 -21.08 -7.02
CA HIS E 47 -28.12 -20.70 -8.16
C HIS E 47 -28.24 -21.93 -9.06
N PRO E 48 -29.35 -22.67 -8.97
CA PRO E 48 -29.43 -23.99 -9.62
C PRO E 48 -29.53 -23.95 -11.14
N ASP E 49 -29.60 -22.80 -11.78
CA ASP E 49 -29.80 -22.78 -13.22
C ASP E 49 -28.72 -22.04 -13.98
N THR E 50 -28.19 -20.95 -13.44
CA THR E 50 -27.22 -20.15 -14.16
C THR E 50 -25.88 -20.87 -14.31
N GLY E 51 -25.19 -20.57 -15.41
CA GLY E 51 -23.87 -21.11 -15.66
C GLY E 51 -22.78 -20.07 -15.51
N ILE E 52 -21.57 -20.47 -15.90
CA ILE E 52 -20.39 -19.63 -15.77
C ILE E 52 -19.56 -19.72 -17.05
N SER E 53 -18.71 -18.72 -17.26
CA SER E 53 -17.79 -18.68 -18.40
C SER E 53 -16.37 -18.92 -17.92
N SER E 54 -15.49 -19.24 -18.88
CA SER E 54 -14.11 -19.60 -18.56
C SER E 54 -13.35 -18.43 -17.95
N LYS E 55 -13.51 -17.23 -18.51
CA LYS E 55 -12.83 -16.05 -17.98
C LYS E 55 -13.30 -15.74 -16.56
N ALA E 56 -14.61 -15.88 -16.33
CA ALA E 56 -15.14 -15.67 -14.98
C ALA E 56 -14.58 -16.69 -14.01
N MET E 57 -14.47 -17.95 -14.43
CA MET E 57 -13.89 -18.97 -13.56
C MET E 57 -12.43 -18.66 -13.24
N SER E 58 -11.67 -18.20 -14.22
CA SER E 58 -10.28 -17.82 -13.96
C SER E 58 -10.20 -16.65 -12.97
N ILE E 59 -11.09 -15.67 -13.12
CA ILE E 59 -11.11 -14.54 -12.21
C ILE E 59 -11.42 -14.99 -10.78
N MET E 60 -12.39 -15.90 -10.64
CA MET E 60 -12.72 -16.42 -9.31
C MET E 60 -11.56 -17.20 -8.72
N ASN E 61 -10.85 -17.98 -9.55
CA ASN E 61 -9.67 -18.70 -9.08
C ASN E 61 -8.62 -17.73 -8.53
N SER E 62 -8.34 -16.66 -9.28
CA SER E 62 -7.36 -15.68 -8.84
C SER E 62 -7.79 -15.00 -7.54
N PHE E 63 -9.09 -14.67 -7.44
CA PHE E 63 -9.61 -14.03 -6.23
C PHE E 63 -9.46 -14.94 -5.01
N VAL E 64 -9.79 -16.23 -5.16
CA VAL E 64 -9.66 -17.18 -4.07
C VAL E 64 -8.20 -17.31 -3.65
N ASN E 65 -7.31 -17.40 -4.64
CA ASN E 65 -5.85 -17.50 -4.33
C ASN E 65 -5.42 -16.26 -3.55
N ASP E 66 -5.82 -15.08 -4.00
CA ASP E 66 -5.42 -13.81 -3.33
C ASP E 66 -5.88 -13.85 -1.86
N VAL E 67 -7.16 -14.13 -1.64
CA VAL E 67 -7.72 -14.16 -0.25
C VAL E 67 -6.89 -15.14 0.59
N PHE E 68 -6.70 -16.37 0.08
CA PHE E 68 -5.99 -17.37 0.86
C PHE E 68 -4.58 -16.90 1.21
N GLU E 69 -3.90 -16.26 0.26
CA GLU E 69 -2.55 -15.76 0.52
C GLU E 69 -2.56 -14.71 1.62
N ARG E 70 -3.53 -13.79 1.59
CA ARG E 70 -3.63 -12.78 2.63
C ARG E 70 -3.86 -13.42 4.00
N ILE E 71 -4.77 -14.39 4.06
CA ILE E 71 -5.10 -15.02 5.35
C ILE E 71 -3.87 -15.76 5.90
N ALA E 72 -3.16 -16.49 5.03
CA ALA E 72 -2.00 -17.25 5.46
C ALA E 72 -0.88 -16.33 5.95
N GLY E 73 -0.62 -15.25 5.21
CA GLY E 73 0.41 -14.32 5.62
C GLY E 73 0.12 -13.67 6.95
N GLU E 74 -1.12 -13.20 7.13
CA GLU E 74 -1.48 -12.55 8.39
C GLU E 74 -1.40 -13.55 9.56
N ALA E 75 -1.87 -14.78 9.35
CA ALA E 75 -1.83 -15.76 10.43
C ALA E 75 -0.39 -16.10 10.82
N SER E 76 0.49 -16.29 9.82
CA SER E 76 1.88 -16.62 10.12
C SER E 76 2.57 -15.47 10.86
N ARG E 77 2.34 -14.23 10.41
CA ARG E 77 2.95 -13.09 11.08
C ARG E 77 2.45 -12.96 12.51
N LEU E 78 1.15 -13.13 12.72
CA LEU E 78 0.59 -12.99 14.06
C LEU E 78 1.12 -14.10 14.99
N ALA E 79 1.25 -15.32 14.47
CA ALA E 79 1.80 -16.40 15.28
C ALA E 79 3.25 -16.14 15.66
N HIS E 80 4.06 -15.63 14.72
CA HIS E 80 5.42 -15.25 15.07
C HIS E 80 5.44 -14.11 16.08
N TYR E 81 4.41 -13.27 16.07
CA TYR E 81 4.41 -12.05 16.85
C TYR E 81 4.36 -12.34 18.36
N ASN E 82 3.71 -13.43 18.74
CA ASN E 82 3.51 -13.77 20.15
C ASN E 82 4.45 -14.87 20.63
N LYS E 83 5.61 -15.04 19.98
CA LYS E 83 6.59 -16.08 20.30
C LYS E 83 5.94 -17.46 20.37
N ARG E 84 5.21 -17.80 19.31
CA ARG E 84 4.59 -19.10 19.17
C ARG E 84 5.08 -19.78 17.90
N SER E 85 4.72 -21.04 17.74
CA SER E 85 5.13 -21.84 16.59
C SER E 85 4.02 -22.72 16.05
N THR E 86 2.77 -22.49 16.45
CA THR E 86 1.65 -23.31 16.03
C THR E 86 0.55 -22.43 15.47
N ILE E 87 -0.05 -22.87 14.36
CA ILE E 87 -1.14 -22.16 13.71
C ILE E 87 -2.41 -22.92 14.04
N THR E 88 -3.09 -22.50 15.11
CA THR E 88 -4.37 -23.08 15.45
C THR E 88 -5.49 -22.11 15.06
N SER E 89 -6.72 -22.42 15.46
CA SER E 89 -7.88 -21.68 14.96
C SER E 89 -7.92 -20.25 15.46
N ARG E 90 -7.27 -19.97 16.60
CA ARG E 90 -7.35 -18.62 17.17
C ARG E 90 -6.67 -17.60 16.26
N GLU E 91 -5.50 -17.94 15.72
CA GLU E 91 -4.79 -17.02 14.84
C GLU E 91 -5.59 -16.74 13.58
N ILE E 92 -6.22 -17.77 13.02
CA ILE E 92 -7.00 -17.58 11.79
C ILE E 92 -8.24 -16.74 12.08
N GLN E 93 -8.89 -16.97 13.22
CA GLN E 93 -10.03 -16.15 13.59
C GLN E 93 -9.63 -14.69 13.78
N THR E 94 -8.51 -14.46 14.46
CA THR E 94 -8.05 -13.08 14.65
C THR E 94 -7.67 -12.45 13.32
N ALA E 95 -7.09 -13.23 12.41
CA ALA E 95 -6.69 -12.71 11.10
C ALA E 95 -7.90 -12.31 10.28
N VAL E 96 -8.93 -13.16 10.25
CA VAL E 96 -10.13 -12.82 9.47
C VAL E 96 -10.86 -11.64 10.12
N ARG E 97 -10.81 -11.54 11.45
CA ARG E 97 -11.36 -10.37 12.13
C ARG E 97 -10.62 -9.10 11.75
N LEU E 98 -9.29 -9.19 11.64
CA LEU E 98 -8.49 -8.02 11.28
C LEU E 98 -8.72 -7.62 9.83
N LEU E 99 -8.90 -8.59 8.94
CA LEU E 99 -8.96 -8.28 7.52
C LEU E 99 -10.38 -7.92 7.06
N LEU E 100 -11.34 -8.82 7.28
CA LEU E 100 -12.67 -8.59 6.75
C LEU E 100 -13.39 -7.49 7.54
N PRO E 101 -14.10 -6.58 6.86
CA PRO E 101 -14.76 -5.48 7.57
C PRO E 101 -16.18 -5.77 8.00
N GLY E 102 -16.47 -5.54 9.28
CA GLY E 102 -17.85 -5.43 9.75
C GLY E 102 -18.64 -6.72 9.68
N GLU E 103 -19.83 -6.62 9.11
CA GLU E 103 -20.77 -7.74 9.10
C GLU E 103 -20.22 -8.91 8.28
N LEU E 104 -19.38 -8.63 7.30
CA LEU E 104 -18.67 -9.72 6.63
C LEU E 104 -17.83 -10.51 7.61
N ALA E 105 -17.08 -9.81 8.48
CA ALA E 105 -16.30 -10.49 9.50
C ALA E 105 -17.19 -11.23 10.48
N LYS E 106 -18.31 -10.64 10.87
CA LYS E 106 -19.22 -11.29 11.82
C LYS E 106 -19.78 -12.59 11.25
N HIS E 107 -20.28 -12.55 10.02
CA HIS E 107 -20.85 -13.75 9.39
C HIS E 107 -19.76 -14.79 9.14
N ALA E 108 -18.57 -14.36 8.74
CA ALA E 108 -17.48 -15.30 8.52
C ALA E 108 -17.09 -16.00 9.82
N VAL E 109 -17.03 -15.25 10.93
CA VAL E 109 -16.69 -15.84 12.21
C VAL E 109 -17.76 -16.84 12.64
N SER E 110 -19.04 -16.49 12.45
CA SER E 110 -20.12 -17.41 12.81
C SER E 110 -20.03 -18.70 12.00
N GLU E 111 -19.80 -18.57 10.69
CA GLU E 111 -19.66 -19.77 9.84
C GLU E 111 -18.47 -20.62 10.26
N GLY E 112 -17.34 -19.97 10.55
CA GLY E 112 -16.16 -20.71 10.94
C GLY E 112 -16.33 -21.47 12.24
N THR E 113 -16.92 -20.82 13.24
CA THR E 113 -17.11 -21.51 14.51
C THR E 113 -18.17 -22.61 14.40
N LYS E 114 -19.19 -22.42 13.55
CA LYS E 114 -20.14 -23.51 13.32
C LYS E 114 -19.46 -24.71 12.67
N ALA E 115 -18.59 -24.45 11.69
CA ALA E 115 -17.87 -25.55 11.04
C ALA E 115 -16.95 -26.26 12.03
N VAL E 116 -16.27 -25.49 12.89
CA VAL E 116 -15.37 -26.09 13.87
C VAL E 116 -16.13 -26.98 14.85
N THR E 117 -17.27 -26.49 15.36
CA THR E 117 -18.07 -27.30 16.26
C THR E 117 -18.61 -28.55 15.57
N LYS E 118 -19.01 -28.43 14.30
CA LYS E 118 -19.48 -29.59 13.56
C LYS E 118 -18.37 -30.62 13.38
N TYR E 119 -17.14 -30.17 13.14
CA TYR E 119 -16.03 -31.09 13.03
C TYR E 119 -15.77 -31.80 14.36
N THR E 120 -15.63 -31.02 15.45
CA THR E 120 -15.26 -31.61 16.73
C THR E 120 -16.34 -32.55 17.24
N SER E 121 -17.60 -32.22 17.00
CA SER E 121 -18.70 -33.10 17.40
C SER E 121 -18.96 -34.22 16.39
N ALA E 122 -17.93 -34.98 16.05
CA ALA E 122 -18.07 -36.07 15.08
C ALA E 122 -16.99 -37.13 15.29
N LYS F 37 -30.69 24.10 -44.86
CA LYS F 37 -29.37 23.84 -44.28
C LYS F 37 -29.28 22.40 -43.78
N PRO F 38 -28.11 21.78 -43.96
CA PRO F 38 -27.90 20.43 -43.42
C PRO F 38 -28.04 20.41 -41.91
N HIS F 39 -28.53 19.29 -41.39
CA HIS F 39 -28.75 19.13 -39.96
C HIS F 39 -27.41 19.09 -39.24
N ARG F 40 -27.25 19.94 -38.23
CA ARG F 40 -26.03 20.05 -37.45
C ARG F 40 -26.37 20.00 -35.98
N TYR F 41 -25.69 19.12 -35.25
CA TYR F 41 -25.88 19.04 -33.81
C TYR F 41 -25.16 20.19 -33.11
N ARG F 42 -25.70 20.58 -31.96
CA ARG F 42 -25.02 21.58 -31.16
C ARG F 42 -23.77 20.98 -30.52
N PRO F 43 -22.73 21.79 -30.31
CA PRO F 43 -21.52 21.27 -29.67
C PRO F 43 -21.76 20.74 -28.27
N GLY F 44 -21.58 19.44 -28.08
CA GLY F 44 -21.71 18.85 -26.76
C GLY F 44 -22.55 17.59 -26.67
N THR F 45 -23.61 17.51 -27.48
CA THR F 45 -24.50 16.35 -27.40
C THR F 45 -23.82 15.08 -27.90
N VAL F 46 -23.01 15.20 -28.96
CA VAL F 46 -22.28 14.04 -29.47
C VAL F 46 -21.27 13.56 -28.44
N ALA F 47 -20.68 14.47 -27.67
CA ALA F 47 -19.78 14.07 -26.60
C ALA F 47 -20.49 13.22 -25.56
N LEU F 48 -21.70 13.62 -25.16
CA LEU F 48 -22.47 12.83 -24.20
C LEU F 48 -22.86 11.47 -24.78
N ARG F 49 -23.25 11.44 -26.05
CA ARG F 49 -23.59 10.18 -26.69
C ARG F 49 -22.38 9.23 -26.72
N GLU F 50 -21.20 9.77 -27.04
CA GLU F 50 -19.98 8.96 -27.01
C GLU F 50 -19.66 8.50 -25.59
N ILE F 51 -19.90 9.36 -24.60
CA ILE F 51 -19.69 8.96 -23.20
C ILE F 51 -20.54 7.75 -22.87
N ARG F 52 -21.83 7.81 -23.23
CA ARG F 52 -22.73 6.69 -22.94
C ARG F 52 -22.29 5.42 -23.66
N ARG F 53 -21.92 5.55 -24.94
CA ARG F 53 -21.50 4.39 -25.72
C ARG F 53 -20.26 3.74 -25.11
N TYR F 54 -19.21 4.51 -24.87
CA TYR F 54 -17.97 3.95 -24.38
C TYR F 54 -18.02 3.59 -22.90
N GLN F 55 -19.05 4.04 -22.17
CA GLN F 55 -19.22 3.57 -20.81
C GLN F 55 -20.01 2.28 -20.75
N LYS F 56 -20.96 2.08 -21.66
CA LYS F 56 -21.66 0.80 -21.69
C LYS F 56 -20.87 -0.28 -22.42
N SER F 57 -19.88 0.09 -23.24
CA SER F 57 -19.05 -0.88 -23.92
C SER F 57 -17.98 -1.42 -22.97
N THR F 58 -17.33 -2.52 -23.39
CA THR F 58 -16.38 -3.19 -22.52
C THR F 58 -15.16 -3.74 -23.26
N GLU F 59 -14.78 -3.15 -24.39
CA GLU F 59 -13.62 -3.62 -25.13
C GLU F 59 -12.48 -2.61 -25.03
N LEU F 60 -11.33 -2.98 -25.59
CA LEU F 60 -10.15 -2.13 -25.59
C LEU F 60 -10.34 -0.94 -26.52
N LEU F 61 -9.51 0.09 -26.31
CA LEU F 61 -9.66 1.35 -27.05
C LEU F 61 -8.43 1.75 -27.85
N ILE F 62 -7.26 1.19 -27.58
CA ILE F 62 -6.04 1.57 -28.28
C ILE F 62 -5.69 0.48 -29.29
N ARG F 63 -4.95 0.88 -30.33
CA ARG F 63 -4.61 -0.05 -31.41
C ARG F 63 -3.51 -1.00 -30.97
N LYS F 64 -3.77 -2.30 -31.15
CA LYS F 64 -2.91 -3.34 -30.59
C LYS F 64 -1.52 -3.33 -31.21
N LEU F 65 -1.43 -3.16 -32.53
CA LEU F 65 -0.12 -3.17 -33.17
C LEU F 65 0.76 -1.98 -32.76
N PRO F 66 0.26 -0.73 -32.77
CA PRO F 66 1.09 0.35 -32.21
C PRO F 66 1.42 0.18 -30.75
N PHE F 67 0.50 -0.36 -29.95
CA PHE F 67 0.83 -0.62 -28.54
C PHE F 67 1.95 -1.64 -28.43
N GLN F 68 1.91 -2.70 -29.23
CA GLN F 68 2.96 -3.71 -29.24
C GLN F 68 4.30 -3.09 -29.61
N ARG F 69 4.30 -2.26 -30.65
CA ARG F 69 5.55 -1.65 -31.10
C ARG F 69 6.13 -0.72 -30.03
N LEU F 70 5.27 0.07 -29.39
CA LEU F 70 5.74 0.95 -28.33
C LEU F 70 6.29 0.16 -27.14
N VAL F 71 5.60 -0.93 -26.77
CA VAL F 71 6.06 -1.76 -25.66
C VAL F 71 7.43 -2.36 -25.99
N ARG F 72 7.61 -2.85 -27.21
CA ARG F 72 8.90 -3.42 -27.59
C ARG F 72 10.01 -2.37 -27.57
N GLU F 73 9.72 -1.16 -28.08
CA GLU F 73 10.75 -0.12 -28.05
C GLU F 73 11.13 0.25 -26.63
N ILE F 74 10.14 0.38 -25.73
CA ILE F 74 10.45 0.73 -24.34
C ILE F 74 11.24 -0.39 -23.68
N ALA F 75 10.86 -1.65 -23.92
CA ALA F 75 11.52 -2.77 -23.26
C ALA F 75 12.93 -3.01 -23.80
N GLN F 76 13.22 -2.55 -25.03
CA GLN F 76 14.52 -2.80 -25.63
C GLN F 76 15.66 -2.14 -24.85
N ASP F 77 15.39 -1.06 -24.11
CA ASP F 77 16.46 -0.36 -23.39
C ASP F 77 17.06 -1.22 -22.29
N PHE F 78 16.23 -1.87 -21.49
CA PHE F 78 16.74 -2.62 -20.34
C PHE F 78 17.48 -3.88 -20.77
N LYS F 79 16.98 -4.58 -21.79
CA LYS F 79 17.67 -5.76 -22.30
C LYS F 79 17.46 -5.83 -23.80
N THR F 80 18.49 -6.29 -24.51
CA THR F 80 18.43 -6.42 -25.95
C THR F 80 18.00 -7.82 -26.36
N ASP F 81 17.28 -7.90 -27.48
CA ASP F 81 16.85 -9.16 -28.08
C ASP F 81 15.98 -9.98 -27.13
N LEU F 82 14.88 -9.38 -26.72
CA LEU F 82 13.86 -10.06 -25.93
C LEU F 82 12.74 -10.55 -26.83
N ARG F 83 11.93 -11.46 -26.28
CA ARG F 83 10.72 -11.92 -26.93
C ARG F 83 9.57 -11.81 -25.94
N PHE F 84 8.36 -11.70 -26.47
CA PHE F 84 7.18 -11.44 -25.65
C PHE F 84 6.11 -12.48 -25.90
N GLN F 85 5.25 -12.65 -24.90
CA GLN F 85 4.05 -13.47 -25.03
C GLN F 85 2.85 -12.55 -25.30
N SER F 86 1.96 -13.02 -26.18
CA SER F 86 0.79 -12.24 -26.53
C SER F 86 -0.07 -11.96 -25.31
N SER F 87 -0.18 -12.93 -24.40
CA SER F 87 -0.91 -12.72 -23.16
C SER F 87 -0.27 -11.63 -22.33
N ALA F 88 1.07 -11.58 -22.30
CA ALA F 88 1.76 -10.53 -21.56
C ALA F 88 1.47 -9.15 -22.15
N VAL F 89 1.50 -9.05 -23.48
CA VAL F 89 1.22 -7.77 -24.13
C VAL F 89 -0.22 -7.34 -23.84
N MET F 90 -1.16 -8.28 -23.92
CA MET F 90 -2.56 -7.94 -23.65
C MET F 90 -2.75 -7.50 -22.20
N ALA F 91 -2.10 -8.18 -21.25
CA ALA F 91 -2.20 -7.79 -19.85
C ALA F 91 -1.65 -6.39 -19.63
N LEU F 92 -0.52 -6.07 -20.27
CA LEU F 92 0.01 -4.72 -20.17
C LEU F 92 -0.98 -3.70 -20.72
N GLN F 93 -1.64 -4.02 -21.83
CA GLN F 93 -2.61 -3.10 -22.42
C GLN F 93 -3.79 -2.87 -21.48
N GLU F 94 -4.33 -3.93 -20.89
CA GLU F 94 -5.46 -3.76 -19.98
C GLU F 94 -5.07 -2.94 -18.75
N ALA F 95 -3.89 -3.22 -18.18
CA ALA F 95 -3.46 -2.45 -17.02
C ALA F 95 -3.29 -0.97 -17.35
N SER F 96 -2.68 -0.68 -18.50
CA SER F 96 -2.49 0.71 -18.91
C SER F 96 -3.82 1.42 -19.11
N GLU F 97 -4.77 0.74 -19.77
CA GLU F 97 -6.06 1.38 -20.01
C GLU F 97 -6.81 1.64 -18.71
N ALA F 98 -6.78 0.69 -17.77
CA ALA F 98 -7.45 0.90 -16.49
C ALA F 98 -6.83 2.06 -15.73
N TYR F 99 -5.50 2.14 -15.72
CA TYR F 99 -4.82 3.24 -15.04
C TYR F 99 -5.19 4.58 -15.67
N LEU F 100 -5.23 4.64 -17.00
CA LEU F 100 -5.56 5.88 -17.68
C LEU F 100 -7.00 6.30 -17.40
N VAL F 101 -7.93 5.34 -17.36
CA VAL F 101 -9.33 5.67 -17.09
C VAL F 101 -9.47 6.22 -15.67
N ALA F 102 -8.82 5.58 -14.69
CA ALA F 102 -8.89 6.08 -13.32
C ALA F 102 -8.30 7.49 -13.21
N LEU F 103 -7.16 7.71 -13.86
CA LEU F 103 -6.54 9.02 -13.83
C LEU F 103 -7.45 10.08 -14.46
N PHE F 104 -8.12 9.73 -15.55
CA PHE F 104 -9.02 10.69 -16.19
C PHE F 104 -10.23 10.99 -15.32
N GLU F 105 -10.74 9.99 -14.59
CA GLU F 105 -11.82 10.26 -13.65
C GLU F 105 -11.39 11.25 -12.57
N ASP F 106 -10.19 11.04 -12.00
CA ASP F 106 -9.70 11.96 -10.99
C ASP F 106 -9.48 13.36 -11.57
N THR F 107 -8.97 13.43 -12.79
CA THR F 107 -8.74 14.72 -13.45
C THR F 107 -10.06 15.45 -13.69
N ASN F 108 -11.11 14.73 -14.09
CA ASN F 108 -12.41 15.33 -14.27
C ASN F 108 -12.96 15.85 -12.95
N LEU F 109 -12.74 15.10 -11.86
CA LEU F 109 -13.15 15.58 -10.54
C LEU F 109 -12.46 16.89 -10.20
N CYS F 110 -11.15 16.98 -10.46
CA CYS F 110 -10.42 18.22 -10.19
C CYS F 110 -10.95 19.37 -11.04
N ALA F 111 -11.23 19.10 -12.33
CA ALA F 111 -11.71 20.15 -13.22
C ALA F 111 -13.08 20.65 -12.78
N ILE F 112 -13.96 19.73 -12.34
CA ILE F 112 -15.26 20.14 -11.82
C ILE F 112 -15.09 20.99 -10.58
N HIS F 113 -14.16 20.60 -9.70
CA HIS F 113 -13.91 21.38 -8.49
C HIS F 113 -13.43 22.79 -8.84
N ALA F 114 -12.64 22.94 -9.89
CA ALA F 114 -12.14 24.24 -10.29
C ALA F 114 -13.15 25.08 -11.06
N LYS F 115 -14.43 24.67 -11.06
CA LYS F 115 -15.52 25.39 -11.73
C LYS F 115 -15.27 25.52 -13.23
N ARG F 116 -15.03 24.38 -13.87
CA ARG F 116 -14.82 24.32 -15.31
C ARG F 116 -15.42 23.02 -15.84
N VAL F 117 -15.48 22.91 -17.16
CA VAL F 117 -15.89 21.66 -17.81
C VAL F 117 -14.77 21.06 -18.64
N THR F 118 -13.68 21.78 -18.87
CA THR F 118 -12.56 21.28 -19.67
C THR F 118 -11.43 20.87 -18.74
N ILE F 119 -10.84 19.71 -19.03
CA ILE F 119 -9.70 19.22 -18.24
C ILE F 119 -8.42 19.84 -18.78
N MET F 120 -7.47 20.07 -17.88
CA MET F 120 -6.24 20.77 -18.21
C MET F 120 -5.03 20.04 -17.64
N PRO F 121 -3.85 20.28 -18.20
CA PRO F 121 -2.62 19.70 -17.62
C PRO F 121 -2.41 20.07 -16.16
N LYS F 122 -2.85 21.26 -15.73
CA LYS F 122 -2.75 21.58 -14.31
C LYS F 122 -3.65 20.68 -13.47
N ASP F 123 -4.83 20.34 -13.98
CA ASP F 123 -5.69 19.38 -13.29
C ASP F 123 -5.03 18.02 -13.20
N ILE F 124 -4.40 17.57 -14.30
CA ILE F 124 -3.72 16.28 -14.30
C ILE F 124 -2.59 16.28 -13.28
N GLN F 125 -1.81 17.35 -13.27
CA GLN F 125 -0.67 17.45 -12.35
C GLN F 125 -1.14 17.48 -10.90
N LEU F 126 -2.23 18.20 -10.61
CA LEU F 126 -2.75 18.23 -9.26
C LEU F 126 -3.22 16.86 -8.81
N ALA F 127 -3.93 16.14 -9.70
CA ALA F 127 -4.40 14.80 -9.35
C ALA F 127 -3.23 13.87 -9.05
N ARG F 128 -2.20 13.90 -9.92
CA ARG F 128 -1.05 13.01 -9.71
C ARG F 128 -0.27 13.41 -8.47
N ARG F 129 -0.21 14.71 -8.16
CA ARG F 129 0.49 15.16 -6.97
C ARG F 129 -0.23 14.71 -5.70
N ILE F 130 -1.56 14.84 -5.68
CA ILE F 130 -2.32 14.45 -4.50
C ILE F 130 -2.26 12.93 -4.31
N ARG F 131 -2.34 12.17 -5.40
CA ARG F 131 -2.20 10.73 -5.30
C ARG F 131 -0.82 10.29 -4.85
N GLY F 132 0.17 11.18 -4.87
CA GLY F 132 1.50 10.86 -4.37
C GLY F 132 2.31 10.03 -5.35
N GLU F 133 2.58 10.59 -6.52
CA GLU F 133 3.35 9.89 -7.55
C GLU F 133 4.61 10.64 -7.94
N ARG F 134 4.53 11.95 -8.12
CA ARG F 134 5.70 12.75 -8.50
C ARG F 134 5.51 14.20 -8.10
N HIS G 19 16.78 -10.76 -38.06
CA HIS G 19 16.82 -11.33 -36.72
C HIS G 19 16.50 -10.26 -35.67
N ARG G 20 16.93 -9.04 -35.93
CA ARG G 20 16.70 -7.91 -35.04
C ARG G 20 16.27 -6.70 -35.86
N LYS G 21 15.73 -5.70 -35.18
CA LYS G 21 15.28 -4.47 -35.81
C LYS G 21 15.34 -3.35 -34.77
N VAL G 22 15.20 -2.11 -35.23
CA VAL G 22 15.26 -0.94 -34.36
C VAL G 22 14.00 -0.11 -34.56
N LEU G 23 13.53 0.51 -33.49
CA LEU G 23 12.39 1.42 -33.52
C LEU G 23 12.84 2.80 -33.04
N ARG G 24 12.40 3.84 -33.74
CA ARG G 24 12.93 5.19 -33.52
C ARG G 24 11.97 6.10 -32.76
N ASP G 25 10.68 6.06 -33.06
CA ASP G 25 9.71 6.95 -32.41
C ASP G 25 8.34 6.28 -32.54
N ASN G 26 7.86 5.72 -31.43
CA ASN G 26 6.65 4.92 -31.43
C ASN G 26 5.56 5.46 -30.52
N ILE G 27 5.84 6.51 -29.74
CA ILE G 27 4.84 7.07 -28.86
C ILE G 27 3.76 7.81 -29.65
N GLN G 28 4.05 8.20 -30.88
CA GLN G 28 3.04 8.84 -31.72
C GLN G 28 1.97 7.87 -32.20
N GLY G 29 2.17 6.55 -32.00
CA GLY G 29 1.13 5.59 -32.32
C GLY G 29 -0.08 5.68 -31.42
N ILE G 30 0.06 6.29 -30.25
CA ILE G 30 -1.08 6.55 -29.38
C ILE G 30 -1.75 7.82 -29.87
N THR G 31 -2.70 7.66 -30.79
CA THR G 31 -3.23 8.78 -31.54
C THR G 31 -4.18 9.63 -30.71
N LYS G 32 -4.52 10.79 -31.26
CA LYS G 32 -5.52 11.66 -30.64
C LYS G 32 -6.89 11.00 -30.47
N PRO G 33 -7.47 10.32 -31.47
CA PRO G 33 -8.77 9.67 -31.22
C PRO G 33 -8.73 8.62 -30.12
N ALA G 34 -7.62 7.90 -29.96
CA ALA G 34 -7.52 6.92 -28.89
C ALA G 34 -7.59 7.59 -27.52
N ILE G 35 -6.87 8.70 -27.36
CA ILE G 35 -6.91 9.44 -26.10
C ILE G 35 -8.30 10.00 -25.87
N ARG G 36 -8.95 10.47 -26.93
CA ARG G 36 -10.32 10.96 -26.79
C ARG G 36 -11.27 9.86 -26.34
N ARG G 37 -11.13 8.66 -26.89
CA ARG G 37 -11.99 7.55 -26.49
C ARG G 37 -11.74 7.15 -25.04
N LEU G 38 -10.46 7.12 -24.61
CA LEU G 38 -10.17 6.87 -23.21
C LEU G 38 -10.80 7.92 -22.30
N ALA G 39 -10.72 9.19 -22.72
CA ALA G 39 -11.32 10.25 -21.92
C ALA G 39 -12.84 10.13 -21.86
N ARG G 40 -13.46 9.75 -22.98
CA ARG G 40 -14.92 9.57 -22.99
C ARG G 40 -15.33 8.44 -22.06
N ARG G 41 -14.59 7.33 -22.08
CA ARG G 41 -14.90 6.23 -21.15
C ARG G 41 -14.70 6.68 -19.71
N GLY G 42 -13.66 7.48 -19.45
CA GLY G 42 -13.49 8.06 -18.13
C GLY G 42 -14.59 9.02 -17.73
N GLY G 43 -15.26 9.63 -18.71
CA GLY G 43 -16.41 10.46 -18.43
C GLY G 43 -16.15 11.96 -18.41
N VAL G 44 -15.43 12.47 -19.41
CA VAL G 44 -15.22 13.90 -19.53
C VAL G 44 -15.94 14.39 -20.80
N LYS G 45 -16.25 15.68 -20.79
CA LYS G 45 -17.07 16.28 -21.83
C LYS G 45 -16.27 17.13 -22.82
N ARG G 46 -15.27 17.86 -22.35
CA ARG G 46 -14.49 18.76 -23.20
C ARG G 46 -13.03 18.67 -22.81
N ILE G 47 -12.14 18.63 -23.81
CA ILE G 47 -10.72 18.40 -23.60
C ILE G 47 -9.92 19.56 -24.18
N SER G 48 -8.80 19.85 -23.55
CA SER G 48 -7.88 20.89 -24.00
C SER G 48 -6.93 20.33 -25.05
N GLY G 49 -5.87 21.07 -25.37
CA GLY G 49 -4.95 20.67 -26.41
C GLY G 49 -3.70 19.96 -25.96
N LEU G 50 -3.16 20.34 -24.81
CA LEU G 50 -1.93 19.75 -24.29
C LEU G 50 -2.17 18.45 -23.54
N ILE G 51 -3.43 18.05 -23.39
CA ILE G 51 -3.79 16.84 -22.67
C ILE G 51 -3.16 15.62 -23.33
N TYR G 52 -3.09 15.63 -24.67
CA TYR G 52 -2.53 14.49 -25.39
C TYR G 52 -1.06 14.28 -25.07
N GLU G 53 -0.28 15.37 -25.09
CA GLU G 53 1.14 15.26 -24.76
C GLU G 53 1.34 14.86 -23.30
N GLU G 54 0.56 15.44 -22.40
CA GLU G 54 0.69 15.09 -20.98
C GLU G 54 0.36 13.62 -20.75
N THR G 55 -0.70 13.13 -21.40
CA THR G 55 -1.09 11.72 -21.27
C THR G 55 -0.02 10.81 -21.83
N ARG G 56 0.59 11.19 -22.97
CA ARG G 56 1.66 10.38 -23.53
C ARG G 56 2.83 10.28 -22.57
N GLY G 57 3.21 11.40 -21.95
CA GLY G 57 4.30 11.35 -20.98
C GLY G 57 3.99 10.47 -19.78
N VAL G 58 2.77 10.61 -19.24
CA VAL G 58 2.38 9.82 -18.06
C VAL G 58 2.37 8.33 -18.40
N LEU G 59 1.80 7.98 -19.56
CA LEU G 59 1.75 6.59 -19.98
C LEU G 59 3.16 6.03 -20.17
N LYS G 60 4.05 6.83 -20.76
CA LYS G 60 5.43 6.37 -20.94
C LYS G 60 6.10 6.08 -19.60
N VAL G 61 5.88 6.95 -18.61
CA VAL G 61 6.49 6.73 -17.29
C VAL G 61 5.95 5.44 -16.67
N PHE G 62 4.63 5.25 -16.70
CA PHE G 62 4.03 4.07 -16.11
C PHE G 62 4.52 2.79 -16.78
N LEU G 63 4.57 2.80 -18.12
CA LEU G 63 5.05 1.64 -18.85
C LEU G 63 6.51 1.36 -18.54
N GLU G 64 7.33 2.41 -18.41
CA GLU G 64 8.74 2.20 -18.11
C GLU G 64 8.91 1.51 -16.77
N ASN G 65 8.16 1.95 -15.75
CA ASN G 65 8.26 1.32 -14.44
C ASN G 65 7.84 -0.15 -14.49
N VAL G 66 6.68 -0.42 -15.08
CA VAL G 66 6.16 -1.79 -15.08
C VAL G 66 7.08 -2.72 -15.88
N ILE G 67 7.56 -2.25 -17.03
CA ILE G 67 8.44 -3.07 -17.86
C ILE G 67 9.78 -3.30 -17.17
N ARG G 68 10.29 -2.31 -16.44
CA ARG G 68 11.53 -2.53 -15.71
C ARG G 68 11.36 -3.64 -14.68
N ASP G 69 10.26 -3.62 -13.93
CA ASP G 69 10.04 -4.69 -12.95
C ASP G 69 9.89 -6.04 -13.63
N ALA G 70 9.14 -6.10 -14.74
CA ALA G 70 8.95 -7.37 -15.43
C ALA G 70 10.27 -7.90 -16.00
N VAL G 71 11.11 -7.01 -16.51
CA VAL G 71 12.40 -7.42 -17.07
C VAL G 71 13.31 -7.94 -15.96
N THR G 72 13.27 -7.32 -14.78
CA THR G 72 14.02 -7.86 -13.65
C THR G 72 13.54 -9.27 -13.29
N TYR G 73 12.21 -9.46 -13.26
CA TYR G 73 11.68 -10.78 -12.93
C TYR G 73 12.08 -11.84 -13.95
N THR G 74 12.01 -11.52 -15.24
CA THR G 74 12.38 -12.51 -16.25
C THR G 74 13.90 -12.67 -16.36
N GLU G 75 14.67 -11.69 -15.90
CA GLU G 75 16.12 -11.84 -15.83
C GLU G 75 16.51 -12.81 -14.73
N HIS G 76 15.81 -12.76 -13.60
CA HIS G 76 16.20 -13.60 -12.46
C HIS G 76 16.03 -15.09 -12.78
N ALA G 77 15.10 -15.44 -13.66
CA ALA G 77 14.77 -16.82 -13.94
C ALA G 77 15.61 -17.43 -15.05
N LYS G 78 16.62 -16.70 -15.54
CA LYS G 78 17.49 -17.17 -16.62
C LYS G 78 16.72 -17.55 -17.87
N ARG G 79 15.70 -16.76 -18.20
CA ARG G 79 14.90 -16.97 -19.39
C ARG G 79 15.25 -15.92 -20.45
N LYS G 80 14.54 -15.98 -21.57
CA LYS G 80 14.71 -15.02 -22.64
C LYS G 80 13.40 -14.41 -23.13
N THR G 81 12.25 -14.91 -22.71
CA THR G 81 10.96 -14.40 -23.14
C THR G 81 10.20 -13.88 -21.93
N VAL G 82 9.67 -12.66 -22.04
CA VAL G 82 8.83 -12.10 -20.99
C VAL G 82 7.48 -12.81 -20.99
N THR G 83 6.91 -12.99 -19.81
CA THR G 83 5.67 -13.75 -19.68
C THR G 83 4.61 -12.96 -18.94
N ALA G 84 3.36 -13.32 -19.22
CA ALA G 84 2.22 -12.70 -18.55
C ALA G 84 2.29 -12.91 -17.06
N MET G 85 2.87 -14.03 -16.62
CA MET G 85 2.96 -14.29 -15.20
C MET G 85 3.92 -13.30 -14.54
N ASP G 86 5.04 -12.99 -15.21
CA ASP G 86 5.95 -11.98 -14.71
C ASP G 86 5.30 -10.60 -14.70
N VAL G 87 4.51 -10.30 -15.72
CA VAL G 87 3.80 -9.02 -15.76
C VAL G 87 2.82 -8.92 -14.58
N VAL G 88 2.11 -10.02 -14.29
CA VAL G 88 1.18 -10.04 -13.17
C VAL G 88 1.93 -9.86 -11.84
N TYR G 89 3.08 -10.52 -11.70
CA TYR G 89 3.87 -10.34 -10.48
C TYR G 89 4.34 -8.90 -10.32
N ALA G 90 4.78 -8.28 -11.41
CA ALA G 90 5.21 -6.88 -11.32
C ALA G 90 4.07 -5.96 -10.93
N LEU G 91 2.90 -6.16 -11.55
CA LEU G 91 1.74 -5.33 -11.22
C LEU G 91 1.32 -5.52 -9.76
N LYS G 92 1.35 -6.76 -9.28
CA LYS G 92 1.05 -7.01 -7.87
C LYS G 92 2.06 -6.34 -6.96
N ARG G 93 3.34 -6.36 -7.34
CA ARG G 93 4.36 -5.71 -6.53
C ARG G 93 4.15 -4.21 -6.46
N GLN G 94 3.69 -3.60 -7.55
CA GLN G 94 3.39 -2.18 -7.54
C GLN G 94 2.03 -1.86 -6.90
N GLY G 95 1.35 -2.84 -6.34
CA GLY G 95 0.04 -2.61 -5.73
C GLY G 95 -1.05 -2.27 -6.72
N ARG G 96 -1.04 -2.93 -7.88
CA ARG G 96 -2.02 -2.73 -8.95
C ARG G 96 -2.52 -4.08 -9.45
N THR G 97 -2.97 -4.91 -8.51
CA THR G 97 -3.27 -6.32 -8.78
C THR G 97 -4.27 -6.47 -9.93
N LEU G 98 -4.01 -7.43 -10.81
CA LEU G 98 -4.81 -7.68 -11.99
C LEU G 98 -5.34 -9.10 -11.94
N TYR G 99 -6.64 -9.25 -12.20
CA TYR G 99 -7.31 -10.55 -12.19
C TYR G 99 -7.59 -11.00 -13.61
N GLY G 100 -7.42 -12.29 -13.87
CA GLY G 100 -7.81 -12.86 -15.14
C GLY G 100 -6.67 -13.31 -16.03
N PHE G 101 -5.49 -13.52 -15.46
CA PHE G 101 -4.34 -13.96 -16.23
C PHE G 101 -3.50 -15.02 -15.55
N GLY G 102 -3.93 -15.55 -14.41
CA GLY G 102 -3.18 -16.59 -13.73
C GLY G 102 -2.65 -16.17 -12.38
N THR H 30 16.92 -12.45 30.68
CA THR H 30 16.33 -11.22 30.19
C THR H 30 17.30 -10.47 29.28
N ARG H 31 17.57 -11.05 28.09
CA ARG H 31 18.47 -10.42 27.14
C ARG H 31 17.70 -9.90 25.94
N LYS H 32 17.89 -8.60 25.64
CA LYS H 32 17.38 -8.00 24.43
C LYS H 32 18.51 -7.89 23.42
N GLU H 33 18.15 -7.92 22.14
CA GLU H 33 19.11 -7.77 21.05
C GLU H 33 18.85 -6.46 20.32
N SER H 34 19.91 -5.82 19.85
CA SER H 34 19.80 -4.54 19.17
C SER H 34 21.02 -4.37 18.28
N TYR H 35 21.00 -3.31 17.47
CA TYR H 35 22.09 -2.99 16.56
C TYR H 35 22.85 -1.75 16.99
N ALA H 36 22.77 -1.40 18.28
CA ALA H 36 23.31 -0.13 18.76
C ALA H 36 24.82 -0.06 18.58
N ILE H 37 25.53 -1.14 18.91
CA ILE H 37 26.99 -1.14 18.82
C ILE H 37 27.43 -1.06 17.37
N TYR H 38 26.72 -1.73 16.47
CA TYR H 38 27.08 -1.69 15.05
C TYR H 38 26.81 -0.33 14.44
N VAL H 39 25.68 0.29 14.81
CA VAL H 39 25.39 1.64 14.36
C VAL H 39 26.44 2.62 14.87
N TYR H 40 26.86 2.45 16.13
CA TYR H 40 27.91 3.31 16.67
C TYR H 40 29.23 3.12 15.95
N LYS H 41 29.58 1.87 15.61
CA LYS H 41 30.82 1.63 14.88
C LYS H 41 30.78 2.28 13.50
N VAL H 42 29.66 2.15 12.79
CA VAL H 42 29.54 2.78 11.48
C VAL H 42 29.61 4.29 11.60
N LEU H 43 28.96 4.84 12.62
CA LEU H 43 28.98 6.29 12.82
C LEU H 43 30.38 6.79 13.14
N LYS H 44 31.13 6.05 13.97
CA LYS H 44 32.50 6.44 14.26
C LYS H 44 33.38 6.30 13.04
N GLN H 45 33.04 5.39 12.13
CA GLN H 45 33.78 5.28 10.88
C GLN H 45 33.54 6.50 10.00
N VAL H 46 32.28 6.91 9.83
CA VAL H 46 31.98 7.95 8.86
C VAL H 46 32.28 9.33 9.42
N HIS H 47 31.83 9.60 10.65
CA HIS H 47 32.06 10.89 11.33
C HIS H 47 32.79 10.62 12.63
N PRO H 48 34.11 10.83 12.68
CA PRO H 48 34.89 10.38 13.84
C PRO H 48 34.61 11.12 15.15
N ASP H 49 33.98 12.29 15.10
CA ASP H 49 33.81 13.10 16.31
C ASP H 49 32.38 13.61 16.42
N THR H 50 31.42 12.72 16.26
CA THR H 50 30.00 13.08 16.36
C THR H 50 29.31 12.08 17.29
N GLY H 51 28.29 12.55 18.00
CA GLY H 51 27.54 11.72 18.92
C GLY H 51 26.21 11.26 18.35
N ILE H 52 25.39 10.72 19.23
CA ILE H 52 24.07 10.20 18.87
C ILE H 52 23.19 10.21 20.12
N SER H 53 21.91 10.47 19.93
CA SER H 53 20.96 10.44 21.04
C SER H 53 20.23 9.11 21.09
N SER H 54 19.63 8.82 22.25
CA SER H 54 18.95 7.55 22.45
C SER H 54 17.75 7.40 21.53
N LYS H 55 16.99 8.49 21.36
CA LYS H 55 15.83 8.44 20.47
C LYS H 55 16.25 8.18 19.03
N ALA H 56 17.32 8.86 18.59
CA ALA H 56 17.83 8.64 17.24
C ALA H 56 18.32 7.21 17.07
N MET H 57 18.97 6.65 18.10
CA MET H 57 19.43 5.28 18.03
C MET H 57 18.26 4.31 17.91
N SER H 58 17.19 4.55 18.66
CA SER H 58 15.99 3.71 18.55
C SER H 58 15.37 3.81 17.16
N ILE H 59 15.32 5.02 16.60
CA ILE H 59 14.79 5.20 15.25
C ILE H 59 15.63 4.45 14.24
N MET H 60 16.95 4.50 14.39
CA MET H 60 17.84 3.76 13.49
C MET H 60 17.63 2.26 13.61
N ASN H 61 17.44 1.76 14.84
CA ASN H 61 17.15 0.35 15.04
C ASN H 61 15.87 -0.06 14.33
N SER H 62 14.82 0.75 14.47
CA SER H 62 13.55 0.44 13.82
C SER H 62 13.70 0.45 12.30
N PHE H 63 14.43 1.42 11.76
CA PHE H 63 14.64 1.49 10.31
C PHE H 63 15.39 0.27 9.80
N VAL H 64 16.44 -0.14 10.51
CA VAL H 64 17.21 -1.32 10.10
C VAL H 64 16.34 -2.56 10.12
N ASN H 65 15.55 -2.71 11.19
CA ASN H 65 14.63 -3.88 11.28
C ASN H 65 13.67 -3.85 10.08
N ASP H 66 13.11 -2.68 9.77
CA ASP H 66 12.14 -2.57 8.66
C ASP H 66 12.78 -3.05 7.36
N VAL H 67 13.98 -2.54 7.04
CA VAL H 67 14.66 -2.93 5.77
C VAL H 67 14.91 -4.43 5.79
N PHE H 68 15.46 -4.96 6.90
CA PHE H 68 15.75 -6.40 7.01
C PHE H 68 14.48 -7.21 6.69
N GLU H 69 13.35 -6.82 7.31
CA GLU H 69 12.11 -7.58 7.11
C GLU H 69 11.64 -7.51 5.66
N ARG H 70 11.74 -6.33 5.04
CA ARG H 70 11.36 -6.20 3.64
C ARG H 70 12.22 -7.11 2.76
N ILE H 71 13.53 -7.11 3.00
CA ILE H 71 14.44 -7.92 2.18
C ILE H 71 14.13 -9.40 2.37
N ALA H 72 13.90 -9.83 3.61
CA ALA H 72 13.62 -11.24 3.87
C ALA H 72 12.33 -11.68 3.19
N GLY H 73 11.28 -10.86 3.29
CA GLY H 73 10.02 -11.21 2.65
C GLY H 73 10.14 -11.31 1.15
N GLU H 74 10.81 -10.33 0.53
CA GLU H 74 10.99 -10.36 -0.92
C GLU H 74 11.79 -11.58 -1.35
N ALA H 75 12.86 -11.91 -0.62
CA ALA H 75 13.67 -13.06 -0.98
C ALA H 75 12.88 -14.36 -0.85
N SER H 76 12.10 -14.49 0.22
CA SER H 76 11.30 -15.71 0.40
C SER H 76 10.27 -15.87 -0.70
N ARG H 77 9.60 -14.77 -1.06
CA ARG H 77 8.61 -14.84 -2.15
C ARG H 77 9.27 -15.16 -3.48
N LEU H 78 10.44 -14.59 -3.74
CA LEU H 78 11.18 -14.91 -4.97
C LEU H 78 11.56 -16.38 -5.02
N ALA H 79 12.01 -16.93 -3.89
CA ALA H 79 12.35 -18.35 -3.85
C ALA H 79 11.13 -19.23 -4.06
N HIS H 80 9.98 -18.82 -3.52
CA HIS H 80 8.76 -19.62 -3.71
C HIS H 80 8.28 -19.55 -5.16
N TYR H 81 8.55 -18.44 -5.86
CA TYR H 81 8.06 -18.29 -7.22
C TYR H 81 8.66 -19.33 -8.17
N ASN H 82 9.96 -19.58 -8.05
CA ASN H 82 10.66 -20.46 -8.97
C ASN H 82 10.75 -21.91 -8.50
N LYS H 83 9.91 -22.30 -7.53
CA LYS H 83 9.91 -23.65 -6.95
C LYS H 83 11.28 -24.04 -6.41
N ARG H 84 12.00 -23.08 -5.82
CA ARG H 84 13.26 -23.38 -5.17
C ARG H 84 13.02 -23.63 -3.68
N SER H 85 14.10 -23.89 -2.95
CA SER H 85 13.99 -24.17 -1.52
C SER H 85 15.10 -23.53 -0.69
N THR H 86 15.86 -22.60 -1.25
CA THR H 86 16.98 -22.02 -0.53
C THR H 86 17.12 -20.54 -0.89
N ILE H 87 17.78 -19.80 -0.01
CA ILE H 87 18.05 -18.37 -0.20
C ILE H 87 19.53 -18.21 -0.48
N THR H 88 19.85 -17.54 -1.58
CA THR H 88 21.23 -17.34 -2.00
C THR H 88 21.46 -15.89 -2.37
N SER H 89 22.72 -15.59 -2.72
CA SER H 89 23.10 -14.24 -3.10
C SER H 89 22.34 -13.78 -4.35
N ARG H 90 21.98 -14.71 -5.23
CA ARG H 90 21.16 -14.34 -6.39
C ARG H 90 19.79 -13.85 -5.96
N GLU H 91 19.16 -14.55 -5.02
CA GLU H 91 17.88 -14.10 -4.47
C GLU H 91 18.01 -12.73 -3.83
N ILE H 92 19.06 -12.54 -3.03
CA ILE H 92 19.21 -11.27 -2.33
C ILE H 92 19.46 -10.13 -3.32
N GLN H 93 20.29 -10.38 -4.34
CA GLN H 93 20.59 -9.35 -5.32
C GLN H 93 19.36 -8.98 -6.14
N THR H 94 18.56 -9.97 -6.55
CA THR H 94 17.34 -9.65 -7.27
C THR H 94 16.37 -8.89 -6.39
N ALA H 95 16.27 -9.25 -5.11
CA ALA H 95 15.38 -8.54 -4.20
C ALA H 95 15.81 -7.08 -4.02
N VAL H 96 17.10 -6.84 -3.83
CA VAL H 96 17.54 -5.46 -3.63
C VAL H 96 17.42 -4.65 -4.92
N ARG H 97 17.57 -5.30 -6.08
CA ARG H 97 17.31 -4.59 -7.33
C ARG H 97 15.84 -4.26 -7.50
N LEU H 98 14.95 -5.14 -7.02
CA LEU H 98 13.52 -4.86 -7.08
C LEU H 98 13.12 -3.74 -6.12
N LEU H 99 13.77 -3.66 -4.96
CA LEU H 99 13.37 -2.69 -3.95
C LEU H 99 14.05 -1.33 -4.11
N LEU H 100 15.39 -1.31 -4.10
CA LEU H 100 16.10 -0.04 -4.08
C LEU H 100 16.03 0.63 -5.45
N PRO H 101 15.80 1.96 -5.49
CA PRO H 101 15.72 2.67 -6.78
C PRO H 101 17.05 3.21 -7.29
N GLY H 102 17.43 2.80 -8.50
CA GLY H 102 18.42 3.52 -9.28
C GLY H 102 19.82 3.50 -8.68
N GLU H 103 20.29 4.71 -8.32
CA GLU H 103 21.65 4.89 -7.83
C GLU H 103 21.90 4.05 -6.58
N LEU H 104 20.93 4.05 -5.67
CA LEU H 104 21.05 3.25 -4.45
C LEU H 104 21.18 1.77 -4.79
N ALA H 105 20.38 1.30 -5.76
CA ALA H 105 20.43 -0.11 -6.14
C ALA H 105 21.79 -0.49 -6.71
N LYS H 106 22.31 0.32 -7.64
CA LYS H 106 23.58 -0.02 -8.26
C LYS H 106 24.73 0.03 -7.26
N HIS H 107 24.76 1.07 -6.42
CA HIS H 107 25.81 1.15 -5.42
C HIS H 107 25.72 0.00 -4.43
N ALA H 108 24.51 -0.35 -4.00
CA ALA H 108 24.33 -1.42 -3.03
C ALA H 108 24.76 -2.76 -3.59
N VAL H 109 24.41 -3.05 -4.85
CA VAL H 109 24.85 -4.32 -5.42
C VAL H 109 26.36 -4.33 -5.63
N SER H 110 26.97 -3.17 -5.90
CA SER H 110 28.43 -3.12 -5.99
C SER H 110 29.08 -3.47 -4.66
N GLU H 111 28.60 -2.88 -3.57
CA GLU H 111 29.16 -3.22 -2.26
C GLU H 111 28.90 -4.68 -1.92
N GLY H 112 27.71 -5.18 -2.25
CA GLY H 112 27.40 -6.56 -1.94
C GLY H 112 28.32 -7.54 -2.65
N THR H 113 28.54 -7.32 -3.94
CA THR H 113 29.40 -8.25 -4.67
C THR H 113 30.86 -8.13 -4.24
N LYS H 114 31.32 -6.92 -3.90
CA LYS H 114 32.69 -6.79 -3.42
C LYS H 114 32.87 -7.50 -2.07
N ALA H 115 31.89 -7.36 -1.18
CA ALA H 115 31.96 -8.05 0.10
C ALA H 115 31.93 -9.56 -0.10
N VAL H 116 31.10 -10.04 -1.02
CA VAL H 116 30.98 -11.48 -1.22
C VAL H 116 32.28 -12.05 -1.80
N THR H 117 32.87 -11.37 -2.77
CA THR H 117 34.11 -11.90 -3.34
C THR H 117 35.26 -11.81 -2.34
N LYS H 118 35.26 -10.78 -1.48
CA LYS H 118 36.26 -10.72 -0.41
C LYS H 118 36.10 -11.88 0.57
N TYR H 119 34.85 -12.16 0.98
CA TYR H 119 34.61 -13.26 1.90
C TYR H 119 34.99 -14.60 1.29
N THR H 120 34.66 -14.80 0.02
CA THR H 120 35.00 -16.03 -0.67
C THR H 120 36.51 -16.21 -0.84
N SER H 121 37.24 -15.15 -1.21
CA SER H 121 38.68 -15.26 -1.35
C SER H 121 39.36 -15.45 0.00
N ALA H 122 38.77 -14.91 1.06
CA ALA H 122 39.33 -15.07 2.41
C ALA H 122 39.23 -16.53 2.86
#